data_2MNS
#
_entry.id   2MNS
#
_entity_poly.entity_id   1
_entity_poly.type   'polypeptide(L)'
_entity_poly.pdbx_seq_one_letter_code
;(ACE)LGLLSYGAGVASLPLLNVIA(NH2)
;
_entity_poly.pdbx_strand_id   A
#
# COMPACT_ATOMS: atom_id res chain seq x y z
N LEU A 2 5.09 8.82 8.46
CA LEU A 2 4.05 9.02 7.46
C LEU A 2 4.67 9.20 6.08
N GLY A 3 5.76 9.96 6.02
CA GLY A 3 6.44 10.21 4.75
C GLY A 3 7.04 8.92 4.22
N LEU A 4 7.59 8.13 5.12
CA LEU A 4 8.20 6.87 4.74
C LEU A 4 7.14 5.91 4.21
N LEU A 5 5.97 5.93 4.82
CA LEU A 5 4.87 5.06 4.38
C LEU A 5 4.45 5.42 2.97
N SER A 6 4.39 6.72 2.68
CA SER A 6 3.99 7.19 1.36
C SER A 6 5.14 7.07 0.37
N TYR A 7 6.29 6.62 0.85
CA TYR A 7 7.47 6.48 0.01
C TYR A 7 7.17 5.53 -1.14
N GLY A 8 6.54 4.39 -0.82
CA GLY A 8 6.20 3.39 -1.83
C GLY A 8 6.49 1.98 -1.32
N ALA A 9 6.38 1.79 -0.01
CA ALA A 9 6.65 0.49 0.59
C ALA A 9 5.52 -0.49 0.25
N GLY A 10 4.41 0.05 -0.25
CA GLY A 10 3.27 -0.78 -0.61
C GLY A 10 1.97 0.02 -0.51
N VAL A 11 2.03 1.29 -0.91
CA VAL A 11 0.85 2.15 -0.85
C VAL A 11 -0.26 1.61 -1.76
N ALA A 12 0.12 1.23 -2.98
CA ALA A 12 -0.85 0.69 -3.94
C ALA A 12 -0.84 -0.82 -3.90
N SER A 13 0.13 -1.38 -3.17
CA SER A 13 0.25 -2.82 -3.05
C SER A 13 -0.63 -3.36 -1.93
N LEU A 14 -1.27 -2.45 -1.19
CA LEU A 14 -2.15 -2.85 -0.07
C LEU A 14 -3.63 -2.70 -0.44
N PRO A 15 -4.04 -1.55 -0.93
CA PRO A 15 -5.47 -1.33 -1.31
C PRO A 15 -5.98 -2.38 -2.30
N LEU A 16 -5.22 -2.60 -3.37
CA LEU A 16 -5.60 -3.59 -4.38
C LEU A 16 -5.60 -4.99 -3.77
N LEU A 17 -4.58 -5.28 -2.97
CA LEU A 17 -4.47 -6.58 -2.34
C LEU A 17 -5.63 -6.81 -1.37
N ASN A 18 -6.01 -5.77 -0.64
CA ASN A 18 -7.11 -5.89 0.32
C ASN A 18 -8.41 -6.25 -0.39
N VAL A 19 -8.66 -5.63 -1.54
CA VAL A 19 -9.88 -5.91 -2.30
C VAL A 19 -9.87 -7.36 -2.76
N ILE A 20 -8.74 -7.81 -3.30
CA ILE A 20 -8.62 -9.18 -3.77
C ILE A 20 -8.74 -10.14 -2.60
N ALA A 21 -8.08 -9.81 -1.49
CA ALA A 21 -8.13 -10.64 -0.30
C ALA A 21 -9.52 -10.62 0.32
N LEU A 2 6.10 11.67 6.27
CA LEU A 2 6.25 11.25 7.66
C LEU A 2 7.32 10.17 7.78
N GLY A 3 7.31 9.23 6.83
CA GLY A 3 8.29 8.14 6.83
C GLY A 3 7.69 6.86 6.27
N LEU A 4 6.37 6.72 6.42
CA LEU A 4 5.67 5.54 5.92
C LEU A 4 5.09 5.79 4.54
N LEU A 5 5.00 7.07 4.15
CA LEU A 5 4.43 7.41 2.85
C LEU A 5 5.29 6.82 1.72
N SER A 6 6.60 6.96 1.83
CA SER A 6 7.50 6.43 0.81
C SER A 6 7.37 4.91 0.76
N TYR A 7 7.39 4.28 1.92
CA TYR A 7 7.28 2.83 2.02
C TYR A 7 5.89 2.38 1.53
N GLY A 8 4.86 3.07 1.98
CA GLY A 8 3.48 2.73 1.61
C GLY A 8 3.02 3.51 0.38
N ALA A 9 3.97 4.09 -0.36
CA ALA A 9 3.64 4.86 -1.55
C ALA A 9 2.94 4.00 -2.58
N GLY A 10 1.70 3.63 -2.29
CA GLY A 10 0.91 2.81 -3.21
C GLY A 10 1.34 1.35 -3.14
N VAL A 11 2.42 1.10 -2.44
CA VAL A 11 2.94 -0.26 -2.30
C VAL A 11 1.96 -1.13 -1.53
N ALA A 12 1.44 -0.61 -0.42
CA ALA A 12 0.48 -1.34 0.40
C ALA A 12 -0.94 -1.18 -0.12
N SER A 13 -1.11 -0.23 -1.05
CA SER A 13 -2.42 0.03 -1.62
C SER A 13 -2.80 -1.01 -2.67
N LEU A 14 -1.88 -1.93 -2.96
CA LEU A 14 -2.12 -2.97 -3.97
C LEU A 14 -2.36 -4.35 -3.30
N PRO A 15 -1.47 -4.84 -2.48
CA PRO A 15 -1.65 -6.17 -1.81
C PRO A 15 -2.95 -6.28 -1.02
N LEU A 16 -3.24 -5.27 -0.20
CA LEU A 16 -4.44 -5.29 0.63
C LEU A 16 -5.71 -5.31 -0.23
N LEU A 17 -5.73 -4.50 -1.28
CA LEU A 17 -6.88 -4.44 -2.15
C LEU A 17 -7.09 -5.78 -2.87
N ASN A 18 -5.98 -6.40 -3.28
CA ASN A 18 -6.06 -7.68 -3.98
C ASN A 18 -6.69 -8.74 -3.07
N VAL A 19 -6.29 -8.74 -1.81
CA VAL A 19 -6.84 -9.71 -0.85
C VAL A 19 -8.33 -9.45 -0.64
N ILE A 20 -8.67 -8.17 -0.45
CA ILE A 20 -10.05 -7.78 -0.25
C ILE A 20 -10.88 -8.08 -1.49
N ALA A 21 -10.32 -7.75 -2.65
CA ALA A 21 -11.01 -7.99 -3.91
C ALA A 21 -10.80 -9.42 -4.39
N LEU A 2 3.75 10.68 7.84
CA LEU A 2 4.12 9.70 8.85
C LEU A 2 5.36 8.93 8.41
N GLY A 3 5.40 8.59 7.12
CA GLY A 3 6.53 7.83 6.56
C GLY A 3 6.03 6.53 5.95
N LEU A 4 4.79 6.18 6.29
CA LEU A 4 4.17 4.97 5.78
C LEU A 4 4.01 5.03 4.27
N LEU A 5 3.67 6.21 3.77
CA LEU A 5 3.47 6.41 2.34
C LEU A 5 4.75 6.12 1.57
N SER A 6 5.89 6.53 2.12
CA SER A 6 7.16 6.29 1.45
C SER A 6 7.35 4.80 1.18
N TYR A 7 7.06 3.98 2.20
CA TYR A 7 7.19 2.54 2.05
C TYR A 7 6.12 2.01 1.10
N GLY A 8 4.91 2.55 1.24
CA GLY A 8 3.77 2.14 0.41
C GLY A 8 3.49 3.18 -0.68
N ALA A 9 4.55 3.79 -1.17
CA ALA A 9 4.42 4.81 -2.20
C ALA A 9 3.74 4.25 -3.45
N GLY A 10 3.94 2.95 -3.70
CA GLY A 10 3.33 2.32 -4.87
C GLY A 10 3.20 0.82 -4.65
N VAL A 11 4.13 0.25 -3.91
CA VAL A 11 4.11 -1.18 -3.64
C VAL A 11 2.85 -1.56 -2.86
N ALA A 12 2.47 -0.72 -1.91
CA ALA A 12 1.28 -0.97 -1.10
C ALA A 12 0.02 -0.63 -1.88
N SER A 13 0.14 -0.63 -3.20
CA SER A 13 -1.00 -0.30 -4.08
C SER A 13 -1.55 -1.57 -4.74
N LEU A 14 -1.49 -2.69 -4.03
CA LEU A 14 -2.00 -3.94 -4.57
C LEU A 14 -2.21 -4.98 -3.45
N PRO A 15 -1.24 -5.19 -2.57
CA PRO A 15 -1.37 -6.18 -1.47
C PRO A 15 -2.57 -5.88 -0.56
N LEU A 16 -2.66 -4.64 -0.13
CA LEU A 16 -3.77 -4.21 0.73
C LEU A 16 -5.09 -4.30 -0.02
N LEU A 17 -5.07 -3.86 -1.27
CA LEU A 17 -6.26 -3.88 -2.11
C LEU A 17 -6.75 -5.32 -2.33
N ASN A 18 -5.81 -6.22 -2.55
CA ASN A 18 -6.14 -7.62 -2.79
C ASN A 18 -6.83 -8.21 -1.56
N VAL A 19 -6.33 -7.87 -0.37
CA VAL A 19 -6.92 -8.38 0.86
C VAL A 19 -8.34 -7.87 1.01
N ILE A 20 -8.52 -6.57 0.78
CA ILE A 20 -9.84 -5.96 0.86
C ILE A 20 -10.77 -6.55 -0.19
N ALA A 21 -10.24 -6.70 -1.40
CA ALA A 21 -11.00 -7.25 -2.51
C ALA A 21 -10.96 -8.78 -2.48
N LEU A 2 2.64 7.77 8.26
CA LEU A 2 3.76 7.81 9.19
C LEU A 2 5.00 8.38 8.51
N GLY A 3 5.22 7.99 7.26
CA GLY A 3 6.37 8.46 6.51
C GLY A 3 6.73 7.50 5.38
N LEU A 4 6.54 6.21 5.62
CA LEU A 4 6.85 5.20 4.62
C LEU A 4 5.63 4.93 3.74
N LEU A 5 4.48 5.48 4.12
CA LEU A 5 3.26 5.28 3.34
C LEU A 5 3.44 5.87 1.94
N SER A 6 3.95 7.09 1.86
CA SER A 6 4.17 7.73 0.58
C SER A 6 5.21 6.96 -0.22
N TYR A 7 6.29 6.57 0.46
CA TYR A 7 7.36 5.81 -0.17
C TYR A 7 6.86 4.46 -0.66
N GLY A 8 6.11 3.76 0.18
CA GLY A 8 5.57 2.46 -0.17
C GLY A 8 4.22 2.60 -0.88
N ALA A 9 3.97 3.77 -1.45
CA ALA A 9 2.71 4.02 -2.14
C ALA A 9 2.65 3.23 -3.45
N GLY A 10 3.18 2.01 -3.42
CA GLY A 10 3.19 1.17 -4.62
C GLY A 10 3.35 -0.30 -4.25
N VAL A 11 4.42 -0.61 -3.52
CA VAL A 11 4.68 -1.98 -3.11
C VAL A 11 3.56 -2.51 -2.23
N ALA A 12 3.15 -1.70 -1.25
CA ALA A 12 2.08 -2.10 -0.34
C ALA A 12 0.72 -1.83 -0.95
N SER A 13 0.71 -1.05 -2.02
CA SER A 13 -0.55 -0.72 -2.70
C SER A 13 -1.13 -1.95 -3.39
N LEU A 14 -0.34 -3.01 -3.45
CA LEU A 14 -0.77 -4.25 -4.10
C LEU A 14 -1.45 -5.19 -3.10
N PRO A 15 -0.73 -5.70 -2.12
CA PRO A 15 -1.30 -6.64 -1.10
C PRO A 15 -2.46 -6.03 -0.30
N LEU A 16 -2.31 -4.78 0.11
CA LEU A 16 -3.35 -4.12 0.89
C LEU A 16 -4.64 -4.00 0.07
N LEU A 17 -4.50 -3.62 -1.18
CA LEU A 17 -5.64 -3.48 -2.06
C LEU A 17 -6.29 -4.84 -2.31
N ASN A 18 -5.45 -5.86 -2.46
CA ASN A 18 -5.96 -7.22 -2.69
C ASN A 18 -6.81 -7.69 -1.52
N VAL A 19 -6.37 -7.38 -0.31
CA VAL A 19 -7.12 -7.78 0.88
C VAL A 19 -8.48 -7.11 0.89
N ILE A 20 -8.49 -5.81 0.62
CA ILE A 20 -9.73 -5.06 0.58
C ILE A 20 -10.63 -5.58 -0.53
N ALA A 21 -10.03 -5.84 -1.69
CA ALA A 21 -10.78 -6.35 -2.83
C ALA A 21 -11.46 -7.67 -2.48
N LEU A 2 6.31 7.01 9.31
CA LEU A 2 7.62 6.43 9.62
C LEU A 2 8.66 6.94 8.62
N GLY A 3 8.28 7.00 7.34
CA GLY A 3 9.17 7.46 6.28
C GLY A 3 8.92 6.68 5.01
N LEU A 4 8.39 5.46 5.16
CA LEU A 4 8.09 4.60 4.01
C LEU A 4 6.63 4.78 3.59
N LEU A 5 5.95 5.72 4.24
CA LEU A 5 4.55 5.98 3.94
C LEU A 5 4.37 6.44 2.49
N SER A 6 5.27 7.32 2.04
CA SER A 6 5.19 7.83 0.68
C SER A 6 5.26 6.69 -0.33
N TYR A 7 6.21 5.78 -0.14
CA TYR A 7 6.37 4.64 -1.04
C TYR A 7 5.14 3.74 -0.97
N GLY A 8 4.66 3.50 0.24
CA GLY A 8 3.48 2.65 0.44
C GLY A 8 2.19 3.47 0.44
N ALA A 9 2.24 4.63 -0.19
CA ALA A 9 1.05 5.49 -0.24
C ALA A 9 0.03 4.95 -1.22
N GLY A 10 -0.36 3.69 -1.03
CA GLY A 10 -1.35 3.08 -1.90
C GLY A 10 -0.72 2.65 -3.22
N VAL A 11 0.61 2.62 -3.25
CA VAL A 11 1.33 2.26 -4.46
C VAL A 11 1.09 0.81 -4.88
N ALA A 12 1.15 -0.12 -3.92
CA ALA A 12 0.95 -1.53 -4.25
C ALA A 12 0.80 -2.39 -2.99
N SER A 13 1.35 -1.93 -1.88
CA SER A 13 1.27 -2.68 -0.63
C SER A 13 -0.16 -2.69 -0.10
N LEU A 14 -1.02 -1.81 -0.63
CA LEU A 14 -2.41 -1.72 -0.18
C LEU A 14 -3.40 -2.22 -1.26
N PRO A 15 -3.32 -1.71 -2.48
CA PRO A 15 -4.25 -2.15 -3.56
C PRO A 15 -4.30 -3.68 -3.70
N LEU A 16 -3.14 -4.31 -3.67
CA LEU A 16 -3.07 -5.77 -3.80
C LEU A 16 -3.77 -6.43 -2.61
N LEU A 17 -3.53 -5.88 -1.42
CA LEU A 17 -4.13 -6.42 -0.21
C LEU A 17 -5.66 -6.30 -0.28
N ASN A 18 -6.12 -5.16 -0.76
CA ASN A 18 -7.57 -4.91 -0.86
C ASN A 18 -8.21 -5.91 -1.81
N VAL A 19 -7.55 -6.17 -2.94
CA VAL A 19 -8.09 -7.10 -3.92
C VAL A 19 -8.15 -8.50 -3.32
N ILE A 20 -7.08 -8.90 -2.65
CA ILE A 20 -7.03 -10.22 -2.01
C ILE A 20 -8.09 -10.30 -0.93
N ALA A 21 -8.20 -9.24 -0.14
CA ALA A 21 -9.17 -9.20 0.94
C ALA A 21 -10.58 -9.00 0.40
N LEU A 2 7.29 6.61 9.72
CA LEU A 2 8.65 6.29 9.33
C LEU A 2 9.10 7.23 8.21
N GLY A 3 8.20 7.52 7.28
CA GLY A 3 8.51 8.41 6.15
C GLY A 3 8.41 7.68 4.83
N LEU A 4 8.20 6.36 4.90
CA LEU A 4 8.09 5.53 3.71
C LEU A 4 6.63 5.45 3.27
N LEU A 5 5.75 6.05 4.06
CA LEU A 5 4.32 6.04 3.75
C LEU A 5 4.06 6.75 2.43
N SER A 6 4.73 7.89 2.23
CA SER A 6 4.56 8.65 1.00
C SER A 6 4.97 7.82 -0.20
N TYR A 7 6.12 7.16 -0.09
CA TYR A 7 6.62 6.32 -1.17
C TYR A 7 5.72 5.13 -1.41
N GLY A 8 5.27 4.50 -0.32
CA GLY A 8 4.39 3.33 -0.40
C GLY A 8 2.92 3.72 -0.33
N ALA A 9 2.62 4.96 -0.73
CA ALA A 9 1.25 5.46 -0.69
C ALA A 9 0.33 4.62 -1.58
N GLY A 10 -0.03 3.44 -1.11
CA GLY A 10 -0.94 2.56 -1.87
C GLY A 10 -0.24 1.89 -3.04
N VAL A 11 1.08 1.74 -2.94
CA VAL A 11 1.85 1.12 -4.01
C VAL A 11 1.51 -0.37 -4.19
N ALA A 12 1.48 -1.11 -3.10
CA ALA A 12 1.20 -2.55 -3.18
C ALA A 12 0.81 -3.13 -1.82
N SER A 13 1.29 -2.52 -0.74
CA SER A 13 0.97 -3.01 0.58
C SER A 13 -0.55 -2.96 0.80
N LEU A 14 -1.21 -2.02 0.11
CA LEU A 14 -2.66 -1.86 0.24
C LEU A 14 -3.41 -2.46 -0.96
N PRO A 15 -3.08 -2.08 -2.18
CA PRO A 15 -3.77 -2.63 -3.39
C PRO A 15 -3.86 -4.16 -3.39
N LEU A 16 -2.79 -4.83 -2.98
CA LEU A 16 -2.79 -6.29 -2.96
C LEU A 16 -3.86 -6.81 -2.00
N LEU A 17 -3.97 -6.18 -0.83
CA LEU A 17 -4.95 -6.58 0.16
C LEU A 17 -6.36 -6.40 -0.40
N ASN A 18 -6.56 -5.30 -1.13
CA ASN A 18 -7.86 -5.01 -1.71
C ASN A 18 -8.27 -6.11 -2.68
N VAL A 19 -7.31 -6.61 -3.46
CA VAL A 19 -7.59 -7.65 -4.43
C VAL A 19 -8.09 -8.91 -3.72
N ILE A 20 -7.39 -9.30 -2.67
CA ILE A 20 -7.79 -10.48 -1.90
C ILE A 20 -9.15 -10.24 -1.24
N ALA A 21 -9.30 -9.04 -0.66
CA ALA A 21 -10.55 -8.69 -0.01
C ALA A 21 -11.62 -8.34 -1.04
N LEU A 2 9.57 10.10 5.05
CA LEU A 2 8.40 10.79 5.60
C LEU A 2 7.64 9.85 6.53
N GLY A 3 7.57 8.58 6.14
CA GLY A 3 6.86 7.57 6.92
C GLY A 3 5.52 7.27 6.28
N LEU A 4 5.20 8.04 5.24
CA LEU A 4 3.94 7.87 4.52
C LEU A 4 4.14 6.95 3.32
N LEU A 5 5.39 6.57 3.07
CA LEU A 5 5.70 5.69 1.94
C LEU A 5 5.01 4.34 2.15
N SER A 6 5.06 3.85 3.38
CA SER A 6 4.44 2.57 3.72
C SER A 6 2.93 2.71 3.87
N TYR A 7 2.44 3.93 3.74
CA TYR A 7 1.01 4.18 3.86
C TYR A 7 0.24 3.40 2.80
N GLY A 8 0.74 3.42 1.57
CA GLY A 8 0.11 2.72 0.46
C GLY A 8 0.07 3.58 -0.79
N ALA A 9 1.10 4.43 -0.95
CA ALA A 9 1.18 5.31 -2.11
C ALA A 9 1.57 4.53 -3.36
N GLY A 10 2.02 3.30 -3.17
CA GLY A 10 2.43 2.46 -4.29
C GLY A 10 3.35 1.35 -3.82
N VAL A 11 3.14 0.87 -2.60
CA VAL A 11 3.95 -0.19 -2.03
C VAL A 11 3.74 -1.48 -2.83
N ALA A 12 2.48 -1.77 -3.15
CA ALA A 12 2.13 -2.97 -3.89
C ALA A 12 1.99 -4.15 -2.93
N SER A 13 2.41 -3.92 -1.68
CA SER A 13 2.34 -4.96 -0.65
C SER A 13 1.16 -4.69 0.27
N LEU A 14 0.20 -3.92 -0.22
CA LEU A 14 -1.00 -3.59 0.57
C LEU A 14 -2.13 -3.07 -0.34
N PRO A 15 -1.87 -2.14 -1.22
CA PRO A 15 -2.93 -1.59 -2.12
C PRO A 15 -3.62 -2.67 -2.96
N LEU A 16 -2.82 -3.49 -3.62
CA LEU A 16 -3.34 -4.57 -4.44
C LEU A 16 -4.07 -5.60 -3.58
N LEU A 17 -3.47 -5.91 -2.43
CA LEU A 17 -4.05 -6.89 -1.51
C LEU A 17 -5.40 -6.39 -0.98
N ASN A 18 -5.48 -5.09 -0.68
CA ASN A 18 -6.70 -4.51 -0.15
C ASN A 18 -7.84 -4.66 -1.16
N VAL A 19 -7.54 -4.43 -2.44
CA VAL A 19 -8.55 -4.54 -3.47
C VAL A 19 -9.05 -5.98 -3.56
N ILE A 20 -8.12 -6.93 -3.56
CA ILE A 20 -8.47 -8.34 -3.63
C ILE A 20 -9.23 -8.74 -2.37
N ALA A 21 -8.75 -8.27 -1.22
CA ALA A 21 -9.39 -8.58 0.06
C ALA A 21 -10.61 -7.69 0.26
N LEU A 2 8.13 9.67 7.38
CA LEU A 2 8.22 8.64 8.42
C LEU A 2 8.99 7.43 7.90
N GLY A 3 8.73 7.05 6.65
CA GLY A 3 9.41 5.91 6.04
C GLY A 3 8.45 5.09 5.20
N LEU A 4 7.16 5.38 5.35
CA LEU A 4 6.12 4.68 4.60
C LEU A 4 5.90 5.34 3.26
N LEU A 5 6.58 6.46 3.02
CA LEU A 5 6.44 7.19 1.76
C LEU A 5 6.90 6.32 0.60
N SER A 6 8.03 5.63 0.79
CA SER A 6 8.57 4.76 -0.26
C SER A 6 7.58 3.66 -0.61
N TYR A 7 6.98 3.07 0.41
CA TYR A 7 6.01 1.99 0.20
C TYR A 7 4.71 2.54 -0.38
N GLY A 8 4.75 3.79 -0.84
CA GLY A 8 3.57 4.41 -1.42
C GLY A 8 2.65 4.95 -0.33
N ALA A 9 3.22 5.27 0.82
CA ALA A 9 2.43 5.79 1.94
C ALA A 9 1.35 4.79 2.32
N GLY A 10 0.28 4.73 1.53
CA GLY A 10 -0.80 3.79 1.80
C GLY A 10 -1.65 3.53 0.56
N VAL A 11 -1.15 3.96 -0.60
CA VAL A 11 -1.86 3.76 -1.85
C VAL A 11 -1.85 2.31 -2.29
N ALA A 12 -0.68 1.67 -2.19
CA ALA A 12 -0.54 0.27 -2.57
C ALA A 12 -0.91 -0.63 -1.40
N SER A 13 -1.39 -0.01 -0.33
CA SER A 13 -1.77 -0.74 0.88
C SER A 13 -3.27 -1.03 0.88
N LEU A 14 -3.84 -1.18 -0.31
CA LEU A 14 -5.26 -1.47 -0.42
C LEU A 14 -5.59 -2.16 -1.75
N PRO A 15 -5.19 -1.60 -2.88
CA PRO A 15 -5.49 -2.23 -4.21
C PRO A 15 -4.97 -3.65 -4.31
N LEU A 16 -3.69 -3.83 -4.02
CA LEU A 16 -3.07 -5.15 -4.08
C LEU A 16 -3.69 -6.08 -3.03
N LEU A 17 -3.90 -5.54 -1.84
CA LEU A 17 -4.49 -6.31 -0.75
C LEU A 17 -5.91 -6.72 -1.10
N ASN A 18 -6.65 -5.79 -1.72
CA ASN A 18 -8.02 -6.06 -2.11
C ASN A 18 -8.09 -7.22 -3.10
N VAL A 19 -7.15 -7.24 -4.05
CA VAL A 19 -7.12 -8.31 -5.04
C VAL A 19 -6.87 -9.64 -4.36
N ILE A 20 -5.89 -9.67 -3.45
CA ILE A 20 -5.57 -10.88 -2.71
C ILE A 20 -6.75 -11.28 -1.83
N ALA A 21 -7.32 -10.29 -1.16
CA ALA A 21 -8.45 -10.53 -0.27
C ALA A 21 -9.76 -10.60 -1.07
N LEU A 2 8.54 8.92 7.34
CA LEU A 2 7.59 9.59 8.21
C LEU A 2 6.33 8.74 8.36
N GLY A 3 5.89 8.15 7.25
CA GLY A 3 4.69 7.31 7.26
C GLY A 3 4.06 7.25 5.88
N LEU A 4 4.14 8.36 5.16
CA LEU A 4 3.57 8.44 3.82
C LEU A 4 4.25 7.45 2.88
N LEU A 5 5.57 7.34 3.02
CA LEU A 5 6.35 6.43 2.19
C LEU A 5 5.91 4.99 2.43
N SER A 6 5.64 4.66 3.70
CA SER A 6 5.22 3.31 4.05
C SER A 6 3.91 2.96 3.34
N TYR A 7 2.96 3.88 3.35
CA TYR A 7 1.68 3.65 2.69
C TYR A 7 1.86 3.60 1.18
N GLY A 8 2.73 4.46 0.66
CA GLY A 8 2.99 4.53 -0.78
C GLY A 8 4.18 3.66 -1.16
N ALA A 9 4.61 2.81 -0.24
CA ALA A 9 5.74 1.92 -0.50
C ALA A 9 5.48 1.09 -1.75
N GLY A 10 5.72 1.68 -2.91
CA GLY A 10 5.50 1.00 -4.19
C GLY A 10 4.07 1.20 -4.67
N VAL A 11 3.24 1.75 -3.77
CA VAL A 11 1.84 2.01 -4.07
C VAL A 11 1.11 0.72 -4.44
N ALA A 12 1.86 -0.37 -4.56
CA ALA A 12 1.27 -1.66 -4.90
C ALA A 12 0.88 -2.41 -3.64
N SER A 13 1.15 -1.80 -2.49
CA SER A 13 0.83 -2.41 -1.20
C SER A 13 -0.60 -2.13 -0.78
N LEU A 14 -1.29 -1.26 -1.53
CA LEU A 14 -2.68 -0.90 -1.21
C LEU A 14 -3.66 -1.58 -2.20
N PRO A 15 -3.45 -1.44 -3.49
CA PRO A 15 -4.35 -2.05 -4.51
C PRO A 15 -4.51 -3.57 -4.30
N LEU A 16 -3.39 -4.26 -4.16
CA LEU A 16 -3.42 -5.71 -3.96
C LEU A 16 -4.12 -6.07 -2.65
N LEU A 17 -3.80 -5.32 -1.61
CA LEU A 17 -4.39 -5.58 -0.30
C LEU A 17 -5.91 -5.37 -0.33
N ASN A 18 -6.33 -4.32 -1.03
CA ASN A 18 -7.76 -4.02 -1.13
C ASN A 18 -8.50 -5.17 -1.80
N VAL A 19 -7.91 -5.72 -2.85
CA VAL A 19 -8.53 -6.84 -3.56
C VAL A 19 -8.65 -8.04 -2.63
N ILE A 20 -7.55 -8.35 -1.93
CA ILE A 20 -7.53 -9.47 -1.00
C ILE A 20 -8.50 -9.21 0.16
N ALA A 21 -8.47 -7.99 0.66
CA ALA A 21 -9.34 -7.60 1.77
C ALA A 21 -10.80 -7.61 1.33
N LEU A 2 2.47 10.20 7.33
CA LEU A 2 2.82 9.69 8.65
C LEU A 2 4.22 9.09 8.65
N GLY A 3 4.53 8.34 7.58
CA GLY A 3 5.83 7.70 7.46
C GLY A 3 5.73 6.41 6.66
N LEU A 4 4.50 5.91 6.53
CA LEU A 4 4.25 4.68 5.78
C LEU A 4 4.03 4.99 4.31
N LEU A 5 4.06 6.27 3.96
CA LEU A 5 3.87 6.68 2.58
C LEU A 5 4.97 6.10 1.69
N SER A 6 6.19 6.14 2.19
CA SER A 6 7.34 5.62 1.45
C SER A 6 7.44 4.10 1.61
N TYR A 7 6.44 3.51 2.27
CA TYR A 7 6.43 2.07 2.49
C TYR A 7 6.45 1.33 1.15
N GLY A 8 5.60 1.75 0.23
CA GLY A 8 5.52 1.12 -1.09
C GLY A 8 5.65 2.16 -2.20
N ALA A 9 5.57 3.44 -1.83
CA ALA A 9 5.68 4.52 -2.80
C ALA A 9 4.81 4.24 -4.02
N GLY A 10 3.89 3.29 -3.87
CA GLY A 10 2.99 2.92 -4.97
C GLY A 10 2.67 1.43 -4.91
N VAL A 11 3.60 0.64 -4.39
CA VAL A 11 3.41 -0.80 -4.27
C VAL A 11 2.25 -1.11 -3.32
N ALA A 12 2.20 -0.39 -2.21
CA ALA A 12 1.15 -0.59 -1.22
C ALA A 12 -0.23 -0.44 -1.86
N SER A 13 -0.25 -0.05 -3.14
CA SER A 13 -1.49 0.16 -3.87
C SER A 13 -2.03 -1.15 -4.44
N LEU A 14 -1.56 -2.28 -3.91
CA LEU A 14 -2.02 -3.59 -4.40
C LEU A 14 -2.20 -4.59 -3.22
N PRO A 15 -1.20 -4.79 -2.39
CA PRO A 15 -1.33 -5.75 -1.25
C PRO A 15 -2.53 -5.45 -0.35
N LEU A 16 -2.66 -4.18 0.05
CA LEU A 16 -3.77 -3.78 0.91
C LEU A 16 -5.09 -3.95 0.18
N LEU A 17 -5.13 -3.55 -1.08
CA LEU A 17 -6.34 -3.68 -1.88
C LEU A 17 -6.68 -5.15 -2.08
N ASN A 18 -5.65 -5.96 -2.26
CA ASN A 18 -5.85 -7.39 -2.46
C ASN A 18 -6.52 -8.02 -1.25
N VAL A 19 -6.09 -7.60 -0.06
CA VAL A 19 -6.68 -8.13 1.16
C VAL A 19 -8.15 -7.76 1.24
N ILE A 20 -8.44 -6.49 0.95
CA ILE A 20 -9.82 -6.01 0.98
C ILE A 20 -10.63 -6.73 -0.09
N ALA A 21 -10.05 -6.86 -1.28
CA ALA A 21 -10.73 -7.53 -2.38
C ALA A 21 -10.61 -9.04 -2.25
N LEU A 2 10.39 10.33 6.90
CA LEU A 2 8.96 10.59 6.81
C LEU A 2 8.49 10.44 5.37
N GLY A 3 9.28 10.92 4.43
CA GLY A 3 8.93 10.83 3.02
C GLY A 3 8.92 9.38 2.58
N LEU A 4 9.82 8.60 3.16
CA LEU A 4 9.91 7.19 2.82
C LEU A 4 8.64 6.46 3.25
N LEU A 5 8.05 6.87 4.36
CA LEU A 5 6.84 6.24 4.86
C LEU A 5 5.70 6.42 3.85
N SER A 6 5.62 7.61 3.26
CA SER A 6 4.57 7.91 2.29
C SER A 6 4.89 7.26 0.94
N TYR A 7 6.07 6.64 0.87
CA TYR A 7 6.51 5.99 -0.36
C TYR A 7 5.52 4.90 -0.77
N GLY A 8 5.13 4.08 0.20
CA GLY A 8 4.19 3.00 -0.05
C GLY A 8 4.21 2.00 1.11
N ALA A 9 3.88 2.47 2.30
CA ALA A 9 3.86 1.61 3.47
C ALA A 9 2.84 0.49 3.30
N GLY A 10 1.71 0.81 2.69
CA GLY A 10 0.66 -0.18 2.47
C GLY A 10 -0.54 0.45 1.77
N VAL A 11 -0.29 1.50 1.00
CA VAL A 11 -1.35 2.17 0.28
C VAL A 11 -2.00 1.24 -0.75
N ALA A 12 -1.16 0.53 -1.48
CA ALA A 12 -1.65 -0.42 -2.50
C ALA A 12 -1.84 -1.79 -1.87
N SER A 13 -1.52 -1.88 -0.59
CA SER A 13 -1.63 -3.15 0.14
C SER A 13 -3.03 -3.32 0.72
N LEU A 14 -3.87 -2.30 0.57
CA LEU A 14 -5.24 -2.34 1.11
C LEU A 14 -6.29 -2.50 0.00
N PRO A 15 -6.26 -1.69 -1.04
CA PRO A 15 -7.27 -1.75 -2.13
C PRO A 15 -6.96 -2.83 -3.18
N LEU A 16 -5.82 -2.66 -3.87
CA LEU A 16 -5.44 -3.61 -4.92
C LEU A 16 -5.22 -5.01 -4.35
N LEU A 17 -4.57 -5.08 -3.20
CA LEU A 17 -4.29 -6.37 -2.57
C LEU A 17 -5.59 -7.08 -2.20
N ASN A 18 -6.55 -6.32 -1.67
CA ASN A 18 -7.82 -6.90 -1.27
C ASN A 18 -8.55 -7.48 -2.48
N VAL A 19 -8.51 -6.78 -3.61
CA VAL A 19 -9.17 -7.25 -4.82
C VAL A 19 -8.52 -8.56 -5.27
N ILE A 20 -7.19 -8.58 -5.29
CA ILE A 20 -6.46 -9.76 -5.69
C ILE A 20 -6.72 -10.90 -4.71
N ALA A 21 -6.71 -10.57 -3.42
CA ALA A 21 -6.96 -11.57 -2.38
C ALA A 21 -8.45 -11.81 -2.20
N LEU A 2 9.52 11.13 2.38
CA LEU A 2 8.79 12.14 3.13
C LEU A 2 8.00 11.48 4.25
N GLY A 3 7.41 10.32 3.94
CA GLY A 3 6.63 9.58 4.92
C GLY A 3 5.70 8.60 4.23
N LEU A 4 5.09 9.06 3.15
CA LEU A 4 4.17 8.24 2.38
C LEU A 4 4.88 7.04 1.78
N LEU A 5 6.10 7.24 1.29
CA LEU A 5 6.85 6.15 0.69
C LEU A 5 7.12 5.06 1.73
N SER A 6 7.53 5.47 2.93
CA SER A 6 7.81 4.52 4.00
C SER A 6 6.51 3.91 4.51
N TYR A 7 5.53 4.77 4.77
CA TYR A 7 4.23 4.31 5.24
C TYR A 7 3.54 3.43 4.20
N GLY A 8 3.52 3.93 2.97
CA GLY A 8 2.92 3.17 1.86
C GLY A 8 3.77 1.97 1.51
N ALA A 9 5.09 2.15 1.53
CA ALA A 9 6.01 1.07 1.20
C ALA A 9 5.60 0.40 -0.10
N GLY A 10 4.68 1.03 -0.83
CA GLY A 10 4.20 0.49 -2.10
C GLY A 10 2.89 -0.27 -1.92
N VAL A 11 2.60 -0.67 -0.68
CA VAL A 11 1.38 -1.40 -0.39
C VAL A 11 0.15 -0.52 -0.68
N ALA A 12 0.20 0.73 -0.26
CA ALA A 12 -0.91 1.65 -0.49
C ALA A 12 -2.11 1.25 0.36
N SER A 13 -1.85 0.81 1.58
CA SER A 13 -2.91 0.40 2.49
C SER A 13 -3.58 -0.88 1.97
N LEU A 14 -2.86 -1.60 1.14
CA LEU A 14 -3.39 -2.84 0.57
C LEU A 14 -4.83 -2.66 0.10
N PRO A 15 -5.02 -1.91 -0.96
CA PRO A 15 -6.37 -1.64 -1.52
C PRO A 15 -6.73 -2.61 -2.66
N LEU A 16 -6.06 -2.43 -3.80
CA LEU A 16 -6.31 -3.29 -4.96
C LEU A 16 -5.93 -4.73 -4.66
N LEU A 17 -4.82 -4.93 -3.97
CA LEU A 17 -4.36 -6.27 -3.63
C LEU A 17 -5.39 -6.96 -2.75
N ASN A 18 -5.97 -6.22 -1.82
CA ASN A 18 -6.97 -6.79 -0.92
C ASN A 18 -8.18 -7.28 -1.70
N VAL A 19 -8.60 -6.52 -2.71
CA VAL A 19 -9.76 -6.91 -3.51
C VAL A 19 -9.48 -8.23 -4.22
N ILE A 20 -8.32 -8.32 -4.86
CA ILE A 20 -7.93 -9.54 -5.57
C ILE A 20 -7.72 -10.67 -4.57
N ALA A 21 -7.02 -10.35 -3.48
CA ALA A 21 -6.75 -11.34 -2.44
C ALA A 21 -8.03 -11.63 -1.66
N LEU A 2 8.07 11.52 6.87
CA LEU A 2 7.71 12.34 5.73
C LEU A 2 6.21 12.27 5.47
N GLY A 3 5.66 11.06 5.58
CA GLY A 3 4.24 10.86 5.34
C GLY A 3 3.96 9.42 4.91
N LEU A 4 4.41 8.47 5.73
CA LEU A 4 4.22 7.06 5.43
C LEU A 4 4.50 6.78 3.95
N LEU A 5 5.22 7.70 3.32
CA LEU A 5 5.55 7.55 1.91
C LEU A 5 6.42 6.32 1.68
N SER A 6 7.40 6.11 2.55
CA SER A 6 8.29 4.96 2.43
C SER A 6 7.52 3.66 2.52
N TYR A 7 6.60 3.58 3.48
CA TYR A 7 5.80 2.38 3.66
C TYR A 7 4.83 2.20 2.50
N GLY A 8 4.23 3.31 2.06
CA GLY A 8 3.27 3.27 0.95
C GLY A 8 3.95 3.58 -0.38
N ALA A 9 5.24 3.30 -0.46
CA ALA A 9 5.99 3.54 -1.68
C ALA A 9 5.41 2.74 -2.83
N GLY A 10 4.94 1.54 -2.51
CA GLY A 10 4.35 0.66 -3.53
C GLY A 10 3.81 -0.64 -2.93
N VAL A 11 4.21 -0.96 -1.71
CA VAL A 11 3.76 -2.18 -1.06
C VAL A 11 2.25 -2.19 -0.90
N ALA A 12 1.69 -1.07 -0.46
CA ALA A 12 0.25 -0.96 -0.26
C ALA A 12 -0.51 -1.30 -1.54
N SER A 13 0.21 -1.41 -2.64
CA SER A 13 -0.40 -1.70 -3.93
C SER A 13 -0.99 -3.13 -3.98
N LEU A 14 -0.57 -4.01 -3.07
CA LEU A 14 -1.05 -5.40 -3.08
C LEU A 14 -2.09 -5.67 -1.96
N PRO A 15 -1.80 -5.35 -0.73
CA PRO A 15 -2.75 -5.61 0.40
C PRO A 15 -4.13 -5.01 0.15
N LEU A 16 -4.17 -3.79 -0.35
CA LEU A 16 -5.46 -3.14 -0.63
C LEU A 16 -6.22 -3.92 -1.69
N LEU A 17 -5.50 -4.35 -2.72
CA LEU A 17 -6.11 -5.11 -3.80
C LEU A 17 -6.63 -6.45 -3.27
N ASN A 18 -5.85 -7.05 -2.37
CA ASN A 18 -6.22 -8.33 -1.78
C ASN A 18 -7.53 -8.23 -1.01
N VAL A 19 -7.71 -7.12 -0.29
CA VAL A 19 -8.93 -6.93 0.49
C VAL A 19 -10.14 -6.91 -0.44
N ILE A 20 -10.03 -6.16 -1.52
CA ILE A 20 -11.12 -6.06 -2.49
C ILE A 20 -11.31 -7.41 -3.18
N ALA A 21 -10.19 -8.03 -3.55
CA ALA A 21 -10.24 -9.33 -4.21
C ALA A 21 -10.91 -10.37 -3.32
N LEU A 2 3.38 7.94 8.28
CA LEU A 2 1.95 7.95 8.60
C LEU A 2 1.42 6.53 8.62
N GLY A 3 1.85 5.72 7.67
CA GLY A 3 1.42 4.33 7.59
C GLY A 3 1.93 3.68 6.30
N LEU A 4 3.23 3.82 6.07
CA LEU A 4 3.85 3.24 4.87
C LEU A 4 3.03 3.55 3.64
N LEU A 5 2.09 4.50 3.75
CA LEU A 5 1.26 4.86 2.61
C LEU A 5 2.12 5.45 1.50
N SER A 6 3.02 6.36 1.87
CA SER A 6 3.91 6.96 0.88
C SER A 6 4.84 5.90 0.29
N TYR A 7 5.39 5.07 1.17
CA TYR A 7 6.28 4.01 0.76
C TYR A 7 5.56 3.02 -0.15
N GLY A 8 4.35 2.61 0.26
CA GLY A 8 3.56 1.67 -0.52
C GLY A 8 3.13 2.31 -1.84
N ALA A 9 2.94 3.62 -1.82
CA ALA A 9 2.51 4.33 -3.02
C ALA A 9 3.48 4.08 -4.17
N GLY A 10 3.31 2.94 -4.82
CA GLY A 10 4.17 2.55 -5.95
C GLY A 10 4.51 1.07 -5.88
N VAL A 11 4.46 0.52 -4.66
CA VAL A 11 4.75 -0.89 -4.46
C VAL A 11 3.73 -1.76 -5.20
N ALA A 12 2.45 -1.40 -5.06
CA ALA A 12 1.38 -2.15 -5.72
C ALA A 12 1.25 -3.57 -5.16
N SER A 13 2.31 -4.07 -4.53
CA SER A 13 2.30 -5.41 -3.96
C SER A 13 1.74 -5.39 -2.54
N LEU A 14 1.16 -4.26 -2.16
CA LEU A 14 0.59 -4.12 -0.81
C LEU A 14 -0.56 -3.10 -0.77
N PRO A 15 -0.43 -1.94 -1.38
CA PRO A 15 -1.51 -0.91 -1.33
C PRO A 15 -2.84 -1.43 -1.86
N LEU A 16 -2.84 -1.93 -3.09
CA LEU A 16 -4.06 -2.46 -3.69
C LEU A 16 -4.56 -3.68 -2.92
N LEU A 17 -3.63 -4.56 -2.57
CA LEU A 17 -3.98 -5.78 -1.84
C LEU A 17 -4.51 -5.44 -0.46
N ASN A 18 -3.89 -4.46 0.18
CA ASN A 18 -4.31 -4.06 1.52
C ASN A 18 -5.74 -3.54 1.50
N VAL A 19 -6.07 -2.75 0.48
CA VAL A 19 -7.42 -2.21 0.35
C VAL A 19 -8.41 -3.35 0.12
N ILE A 20 -8.05 -4.26 -0.78
CA ILE A 20 -8.91 -5.39 -1.08
C ILE A 20 -9.08 -6.26 0.15
N ALA A 21 -7.97 -6.51 0.85
CA ALA A 21 -8.00 -7.34 2.05
C ALA A 21 -8.42 -6.50 3.26
N LEU A 2 5.76 5.29 9.26
CA LEU A 2 7.05 5.93 9.49
C LEU A 2 7.16 7.21 8.67
N GLY A 3 6.15 7.46 7.82
CA GLY A 3 6.15 8.64 6.98
C GLY A 3 6.74 8.34 5.62
N LEU A 4 7.28 7.13 5.48
CA LEU A 4 7.90 6.71 4.23
C LEU A 4 6.83 6.11 3.30
N LEU A 5 5.66 5.85 3.86
CA LEU A 5 4.57 5.26 3.09
C LEU A 5 4.13 6.18 1.96
N SER A 6 4.06 7.48 2.24
CA SER A 6 3.63 8.45 1.24
C SER A 6 4.59 8.50 0.06
N TYR A 7 5.79 7.96 0.25
CA TYR A 7 6.79 7.95 -0.82
C TYR A 7 6.58 6.75 -1.73
N GLY A 8 5.46 6.07 -1.56
CA GLY A 8 5.14 4.90 -2.38
C GLY A 8 5.89 3.66 -1.90
N ALA A 9 6.09 3.58 -0.58
CA ALA A 9 6.79 2.43 -0.01
C ALA A 9 6.08 1.13 -0.37
N GLY A 10 4.93 1.27 -1.03
CA GLY A 10 4.14 0.11 -1.42
C GLY A 10 2.81 0.55 -2.02
N VAL A 11 2.86 1.03 -3.26
CA VAL A 11 1.65 1.48 -3.94
C VAL A 11 0.70 0.30 -4.14
N ALA A 12 1.25 -0.82 -4.57
CA ALA A 12 0.45 -2.01 -4.81
C ALA A 12 -0.06 -2.59 -3.48
N SER A 13 0.50 -2.11 -2.39
CA SER A 13 0.11 -2.59 -1.06
C SER A 13 -1.35 -2.22 -0.77
N LEU A 14 -1.93 -1.38 -1.63
CA LEU A 14 -3.31 -0.94 -1.45
C LEU A 14 -4.28 -1.86 -2.23
N PRO A 15 -4.22 -1.87 -3.54
CA PRO A 15 -5.14 -2.72 -4.37
C PRO A 15 -5.04 -4.22 -4.07
N LEU A 16 -3.83 -4.69 -3.78
CA LEU A 16 -3.65 -6.10 -3.49
C LEU A 16 -4.45 -6.50 -2.25
N LEU A 17 -4.39 -5.67 -1.23
CA LEU A 17 -5.13 -5.93 0.00
C LEU A 17 -6.63 -5.85 -0.26
N ASN A 18 -7.03 -4.89 -1.08
CA ASN A 18 -8.44 -4.71 -1.39
C ASN A 18 -9.00 -5.96 -2.07
N VAL A 19 -8.23 -6.53 -2.98
CA VAL A 19 -8.65 -7.75 -3.67
C VAL A 19 -8.81 -8.89 -2.68
N ILE A 20 -7.81 -9.06 -1.82
CA ILE A 20 -7.84 -10.11 -0.82
C ILE A 20 -8.98 -9.86 0.16
N ALA A 21 -9.11 -8.60 0.58
CA ALA A 21 -10.17 -8.22 1.52
C ALA A 21 -11.50 -8.08 0.80
N LEU A 2 9.87 9.59 7.96
CA LEU A 2 10.62 10.24 6.90
C LEU A 2 9.67 11.01 5.98
N GLY A 3 8.50 10.41 5.72
CA GLY A 3 7.49 11.02 4.85
C GLY A 3 7.37 10.23 3.56
N LEU A 4 8.28 9.29 3.37
CA LEU A 4 8.29 8.44 2.18
C LEU A 4 7.65 7.09 2.49
N LEU A 5 7.29 6.88 3.76
CA LEU A 5 6.67 5.62 4.16
C LEU A 5 5.34 5.43 3.43
N SER A 6 4.57 6.51 3.32
CA SER A 6 3.28 6.46 2.65
C SER A 6 3.45 6.52 1.13
N TYR A 7 4.70 6.64 0.69
CA TYR A 7 4.98 6.72 -0.74
C TYR A 7 4.45 5.47 -1.46
N GLY A 8 4.75 4.31 -0.89
CA GLY A 8 4.30 3.05 -1.48
C GLY A 8 5.07 1.87 -0.91
N ALA A 9 5.45 1.98 0.38
CA ALA A 9 6.19 0.92 1.05
C ALA A 9 5.23 -0.09 1.69
N GLY A 10 4.00 -0.12 1.21
CA GLY A 10 3.00 -1.04 1.76
C GLY A 10 1.58 -0.51 1.54
N VAL A 11 1.49 0.78 1.20
CA VAL A 11 0.18 1.39 0.98
C VAL A 11 -0.53 0.71 -0.18
N ALA A 12 0.21 0.49 -1.27
CA ALA A 12 -0.35 -0.16 -2.44
C ALA A 12 -0.42 -1.67 -2.24
N SER A 13 -0.19 -2.10 -1.00
CA SER A 13 -0.23 -3.51 -0.64
C SER A 13 -1.37 -3.77 0.32
N LEU A 14 -2.52 -3.17 0.04
CA LEU A 14 -3.70 -3.33 0.89
C LEU A 14 -4.99 -3.21 0.07
N PRO A 15 -5.30 -2.08 -0.53
CA PRO A 15 -6.54 -1.90 -1.35
C PRO A 15 -6.58 -2.83 -2.56
N LEU A 16 -5.50 -2.82 -3.35
CA LEU A 16 -5.44 -3.65 -4.54
C LEU A 16 -5.51 -5.13 -4.17
N LEU A 17 -4.79 -5.52 -3.13
CA LEU A 17 -4.78 -6.90 -2.69
C LEU A 17 -6.17 -7.30 -2.22
N ASN A 18 -6.84 -6.38 -1.54
CA ASN A 18 -8.17 -6.64 -1.03
C ASN A 18 -9.14 -6.95 -2.17
N VAL A 19 -8.99 -6.24 -3.28
CA VAL A 19 -9.86 -6.47 -4.43
C VAL A 19 -9.68 -7.89 -4.96
N ILE A 20 -8.41 -8.30 -5.11
CA ILE A 20 -8.10 -9.64 -5.59
C ILE A 20 -8.50 -10.66 -4.54
N ALA A 21 -8.21 -10.37 -3.29
CA ALA A 21 -8.52 -11.28 -2.19
C ALA A 21 -9.99 -11.14 -1.79
N LEU A 2 -1.20 4.14 7.54
CA LEU A 2 -0.67 5.34 8.20
C LEU A 2 0.86 5.32 8.16
N GLY A 3 1.43 4.19 7.72
CA GLY A 3 2.88 4.06 7.65
C GLY A 3 3.32 3.30 6.40
N LEU A 4 2.44 2.44 5.89
CA LEU A 4 2.78 1.64 4.71
C LEU A 4 2.53 2.43 3.43
N LEU A 5 1.82 3.55 3.53
CA LEU A 5 1.53 4.35 2.36
C LEU A 5 2.82 4.86 1.74
N SER A 6 3.72 5.39 2.58
CA SER A 6 5.00 5.89 2.11
C SER A 6 5.82 4.73 1.52
N TYR A 7 5.81 3.61 2.23
CA TYR A 7 6.53 2.43 1.79
C TYR A 7 6.00 1.93 0.45
N GLY A 8 4.67 1.94 0.32
CA GLY A 8 4.04 1.49 -0.92
C GLY A 8 4.51 2.33 -2.11
N ALA A 9 4.74 3.61 -1.86
CA ALA A 9 5.20 4.51 -2.90
C ALA A 9 4.27 4.50 -4.11
N GLY A 10 3.16 3.76 -3.99
CA GLY A 10 2.20 3.70 -5.09
C GLY A 10 2.58 2.63 -6.11
N VAL A 11 3.37 1.65 -5.67
CA VAL A 11 3.80 0.58 -6.56
C VAL A 11 2.58 -0.24 -7.00
N ALA A 12 1.51 -0.14 -6.22
CA ALA A 12 0.27 -0.87 -6.51
C ALA A 12 0.36 -2.30 -5.98
N SER A 13 1.58 -2.74 -5.67
CA SER A 13 1.80 -4.09 -5.16
C SER A 13 1.60 -4.11 -3.65
N LEU A 14 1.51 -2.92 -3.06
CA LEU A 14 1.33 -2.78 -1.60
C LEU A 14 0.00 -2.08 -1.28
N PRO A 15 -0.29 -0.95 -1.90
CA PRO A 15 -1.56 -0.19 -1.62
C PRO A 15 -2.80 -1.06 -1.81
N LEU A 16 -2.85 -1.80 -2.92
CA LEU A 16 -4.00 -2.65 -3.20
C LEU A 16 -4.13 -3.74 -2.14
N LEU A 17 -3.01 -4.33 -1.76
CA LEU A 17 -3.03 -5.38 -0.74
C LEU A 17 -3.56 -4.82 0.57
N ASN A 18 -3.12 -3.62 0.92
CA ASN A 18 -3.56 -3.00 2.16
C ASN A 18 -5.07 -2.77 2.16
N VAL A 19 -5.59 -2.32 1.03
CA VAL A 19 -7.04 -2.08 0.90
C VAL A 19 -7.80 -3.40 1.00
N ILE A 20 -7.33 -4.41 0.28
CA ILE A 20 -7.97 -5.72 0.29
C ILE A 20 -7.84 -6.34 1.68
N ALA A 21 -6.66 -6.23 2.26
CA ALA A 21 -6.42 -6.78 3.58
C ALA A 21 -7.08 -5.92 4.65
N LEU A 2 8.46 11.66 4.66
CA LEU A 2 7.49 12.75 4.66
C LEU A 2 6.08 12.21 4.92
N GLY A 3 5.76 11.09 4.29
CA GLY A 3 4.45 10.47 4.46
C GLY A 3 4.56 8.95 4.39
N LEU A 4 5.54 8.41 5.12
CA LEU A 4 5.76 6.97 5.14
C LEU A 4 5.66 6.38 3.73
N LEU A 5 5.78 7.25 2.73
CA LEU A 5 5.71 6.81 1.35
C LEU A 5 6.84 5.83 1.01
N SER A 6 8.05 6.16 1.46
CA SER A 6 9.20 5.31 1.21
C SER A 6 9.03 3.93 1.86
N TYR A 7 8.59 3.94 3.12
CA TYR A 7 8.39 2.69 3.85
C TYR A 7 7.19 1.94 3.29
N GLY A 8 6.13 2.66 2.99
CA GLY A 8 4.91 2.06 2.45
C GLY A 8 5.17 1.44 1.08
N ALA A 9 5.99 2.10 0.27
CA ALA A 9 6.29 1.60 -1.06
C ALA A 9 5.02 1.24 -1.80
N GLY A 10 3.89 1.77 -1.31
CA GLY A 10 2.58 1.50 -1.92
C GLY A 10 1.55 1.23 -0.85
N VAL A 11 1.08 2.30 -0.20
CA VAL A 11 0.08 2.17 0.85
C VAL A 11 -1.22 1.59 0.29
N ALA A 12 -1.65 2.11 -0.84
CA ALA A 12 -2.89 1.65 -1.46
C ALA A 12 -2.72 0.25 -2.04
N SER A 13 -1.47 -0.14 -2.28
CA SER A 13 -1.18 -1.46 -2.84
C SER A 13 -1.56 -2.58 -1.88
N LEU A 14 -1.94 -2.22 -0.66
CA LEU A 14 -2.31 -3.20 0.35
C LEU A 14 -3.82 -3.50 0.31
N PRO A 15 -4.66 -2.55 0.62
CA PRO A 15 -6.15 -2.76 0.63
C PRO A 15 -6.70 -3.19 -0.73
N LEU A 16 -6.18 -2.61 -1.81
CA LEU A 16 -6.66 -2.96 -3.14
C LEU A 16 -6.38 -4.43 -3.44
N LEU A 17 -5.18 -4.88 -3.09
CA LEU A 17 -4.79 -6.26 -3.31
C LEU A 17 -5.65 -7.20 -2.48
N ASN A 18 -5.97 -6.78 -1.25
CA ASN A 18 -6.78 -7.60 -0.36
C ASN A 18 -8.16 -7.86 -0.98
N VAL A 19 -8.73 -6.84 -1.60
CA VAL A 19 -10.05 -6.97 -2.22
C VAL A 19 -9.97 -8.02 -3.34
N ILE A 20 -8.94 -7.91 -4.17
CA ILE A 20 -8.75 -8.84 -5.27
C ILE A 20 -8.52 -10.23 -4.71
N ALA A 21 -7.69 -10.32 -3.68
CA ALA A 21 -7.38 -11.60 -3.05
C ALA A 21 -8.56 -12.10 -2.24
N LEU A 2 7.69 11.75 2.94
CA LEU A 2 7.32 12.46 4.18
C LEU A 2 7.63 11.57 5.38
N GLY A 3 7.30 10.29 5.25
CA GLY A 3 7.54 9.34 6.33
C GLY A 3 6.69 8.09 6.15
N LEU A 4 5.46 8.29 5.68
CA LEU A 4 4.53 7.17 5.46
C LEU A 4 4.51 6.77 3.99
N LEU A 5 4.99 7.65 3.13
CA LEU A 5 5.01 7.38 1.70
C LEU A 5 5.92 6.19 1.38
N SER A 6 7.07 6.15 2.03
CA SER A 6 8.03 5.07 1.78
C SER A 6 7.41 3.71 2.11
N TYR A 7 6.75 3.62 3.26
CA TYR A 7 6.13 2.36 3.65
C TYR A 7 4.98 2.02 2.71
N GLY A 8 4.20 3.03 2.36
CA GLY A 8 3.05 2.84 1.46
C GLY A 8 3.43 3.19 0.02
N ALA A 9 4.70 2.99 -0.32
CA ALA A 9 5.17 3.29 -1.66
C ALA A 9 4.39 2.50 -2.70
N GLY A 10 4.19 1.20 -2.42
CA GLY A 10 3.46 0.33 -3.34
C GLY A 10 2.48 -0.56 -2.58
N VAL A 11 2.87 -0.96 -1.37
CA VAL A 11 2.02 -1.80 -0.55
C VAL A 11 0.71 -1.08 -0.21
N ALA A 12 0.83 0.18 0.21
CA ALA A 12 -0.34 0.97 0.56
C ALA A 12 -1.24 0.21 1.52
N SER A 13 -0.63 -0.53 2.44
CA SER A 13 -1.39 -1.31 3.41
C SER A 13 -2.16 -2.44 2.73
N LEU A 14 -1.79 -2.73 1.49
CA LEU A 14 -2.45 -3.80 0.72
C LEU A 14 -3.96 -3.57 0.69
N PRO A 15 -4.40 -2.55 0.00
CA PRO A 15 -5.83 -2.20 -0.13
C PRO A 15 -6.48 -2.78 -1.39
N LEU A 16 -6.02 -2.29 -2.55
CA LEU A 16 -6.55 -2.74 -3.83
C LEU A 16 -6.28 -4.23 -4.04
N LEU A 17 -5.09 -4.67 -3.66
CA LEU A 17 -4.71 -6.07 -3.82
C LEU A 17 -5.63 -6.96 -2.99
N ASN A 18 -5.97 -6.49 -1.79
CA ASN A 18 -6.84 -7.25 -0.91
C ASN A 18 -8.20 -7.51 -1.57
N VAL A 19 -8.72 -6.50 -2.25
CA VAL A 19 -10.01 -6.63 -2.91
C VAL A 19 -9.93 -7.71 -3.99
N ILE A 20 -8.90 -7.64 -4.82
CA ILE A 20 -8.71 -8.62 -5.88
C ILE A 20 -8.42 -10.00 -5.28
N ALA A 21 -7.56 -10.02 -4.26
CA ALA A 21 -7.20 -11.27 -3.60
C ALA A 21 -8.23 -11.63 -2.54
N LEU A 2 10.81 11.21 6.87
CA LEU A 2 9.97 11.58 8.00
C LEU A 2 8.51 11.21 7.76
N GLY A 3 8.04 11.45 6.53
CA GLY A 3 6.65 11.14 6.18
C GLY A 3 6.56 10.47 4.81
N LEU A 4 7.66 10.49 4.08
CA LEU A 4 7.67 9.90 2.75
C LEU A 4 7.59 8.38 2.82
N LEU A 5 7.98 7.81 3.96
CA LEU A 5 7.93 6.36 4.14
C LEU A 5 6.49 5.86 4.04
N SER A 6 5.58 6.62 4.64
CA SER A 6 4.17 6.25 4.63
C SER A 6 3.53 6.61 3.29
N TYR A 7 4.31 7.23 2.41
CA TYR A 7 3.81 7.62 1.09
C TYR A 7 3.30 6.40 0.33
N GLY A 8 4.10 5.35 0.34
CA GLY A 8 3.74 4.12 -0.36
C GLY A 8 4.97 3.28 -0.68
N ALA A 9 5.76 3.00 0.35
CA ALA A 9 6.98 2.21 0.19
C ALA A 9 6.66 0.80 -0.30
N GLY A 10 5.44 0.34 -0.02
CA GLY A 10 5.02 -1.01 -0.43
C GLY A 10 3.75 -0.95 -1.26
N VAL A 11 2.93 0.06 -1.00
CA VAL A 11 1.67 0.21 -1.75
C VAL A 11 0.91 -1.12 -1.73
N ALA A 12 1.23 -1.96 -0.76
CA ALA A 12 0.58 -3.26 -0.63
C ALA A 12 -0.81 -3.10 -0.03
N SER A 13 -1.20 -1.86 0.25
CA SER A 13 -2.51 -1.58 0.84
C SER A 13 -3.64 -1.67 -0.17
N LEU A 14 -3.30 -1.82 -1.46
CA LEU A 14 -4.33 -1.93 -2.52
C LEU A 14 -4.37 -3.35 -3.11
N PRO A 15 -3.26 -3.89 -3.55
CA PRO A 15 -3.22 -5.27 -4.15
C PRO A 15 -3.91 -6.31 -3.27
N LEU A 16 -3.63 -6.27 -1.97
CA LEU A 16 -4.25 -7.24 -1.05
C LEU A 16 -5.76 -7.04 -1.04
N LEU A 17 -6.19 -5.79 -1.00
CA LEU A 17 -7.61 -5.48 -0.99
C LEU A 17 -8.25 -5.93 -2.30
N ASN A 18 -7.52 -5.73 -3.39
CA ASN A 18 -8.03 -6.12 -4.71
C ASN A 18 -8.27 -7.63 -4.76
N VAL A 19 -7.35 -8.39 -4.19
CA VAL A 19 -7.49 -9.85 -4.19
C VAL A 19 -8.70 -10.25 -3.35
N ILE A 20 -8.82 -9.66 -2.17
CA ILE A 20 -9.94 -9.96 -1.28
C ILE A 20 -11.24 -9.50 -1.93
N ALA A 21 -11.21 -8.30 -2.50
CA ALA A 21 -12.38 -7.73 -3.16
C ALA A 21 -12.60 -8.40 -4.51
N LEU A 2 2.31 8.68 7.15
CA LEU A 2 0.86 8.64 7.31
C LEU A 2 0.41 7.23 7.69
N GLY A 3 0.99 6.23 7.03
CA GLY A 3 0.64 4.84 7.31
C GLY A 3 1.29 3.90 6.30
N LEU A 4 2.62 3.75 6.41
CA LEU A 4 3.35 2.87 5.51
C LEU A 4 3.04 3.23 4.05
N LEU A 5 2.35 4.36 3.88
CA LEU A 5 1.98 4.82 2.54
C LEU A 5 3.22 5.14 1.72
N SER A 6 4.22 5.72 2.38
CA SER A 6 5.45 6.09 1.67
C SER A 6 6.04 4.87 0.96
N TYR A 7 6.08 3.74 1.66
CA TYR A 7 6.62 2.52 1.06
C TYR A 7 5.72 2.07 -0.09
N GLY A 8 4.41 2.16 0.12
CA GLY A 8 3.44 1.78 -0.89
C GLY A 8 3.40 2.82 -2.01
N ALA A 9 4.25 3.83 -1.90
CA ALA A 9 4.29 4.89 -2.90
C ALA A 9 4.87 4.39 -4.21
N GLY A 10 5.38 3.16 -4.22
CA GLY A 10 5.97 2.59 -5.43
C GLY A 10 5.64 1.11 -5.55
N VAL A 11 5.61 0.41 -4.41
CA VAL A 11 5.31 -1.01 -4.42
C VAL A 11 3.92 -1.25 -5.00
N ALA A 12 2.94 -0.49 -4.48
CA ALA A 12 1.56 -0.58 -4.94
C ALA A 12 1.20 -2.01 -5.36
N SER A 13 1.90 -2.98 -4.77
CA SER A 13 1.67 -4.39 -5.10
C SER A 13 1.36 -5.17 -3.83
N LEU A 14 0.60 -4.55 -2.93
CA LEU A 14 0.24 -5.20 -1.69
C LEU A 14 -0.68 -4.29 -0.86
N PRO A 15 -0.31 -3.04 -0.66
CA PRO A 15 -1.16 -2.08 0.13
C PRO A 15 -2.57 -1.97 -0.42
N LEU A 16 -2.69 -1.76 -1.72
CA LEU A 16 -4.00 -1.64 -2.35
C LEU A 16 -4.77 -2.94 -2.23
N LEU A 17 -4.09 -4.05 -2.48
CA LEU A 17 -4.72 -5.36 -2.39
C LEU A 17 -5.17 -5.64 -0.95
N ASN A 18 -4.33 -5.24 0.00
CA ASN A 18 -4.63 -5.45 1.41
C ASN A 18 -5.90 -4.70 1.81
N VAL A 19 -6.03 -3.47 1.32
CA VAL A 19 -7.20 -2.66 1.63
C VAL A 19 -8.46 -3.32 1.04
N ILE A 20 -8.36 -3.75 -0.21
CA ILE A 20 -9.48 -4.39 -0.88
C ILE A 20 -9.80 -5.72 -0.20
N ALA A 21 -8.77 -6.47 0.14
CA ALA A 21 -8.96 -7.76 0.80
C ALA A 21 -9.28 -7.56 2.27
N LEU A 2 8.88 12.22 4.89
CA LEU A 2 8.26 12.37 6.21
C LEU A 2 8.61 11.19 7.10
N GLY A 3 8.55 9.99 6.53
CA GLY A 3 8.85 8.77 7.28
C GLY A 3 8.53 7.54 6.46
N LEU A 4 9.27 7.33 5.37
CA LEU A 4 9.04 6.18 4.51
C LEU A 4 7.55 5.97 4.26
N LEU A 5 6.76 7.01 4.53
CA LEU A 5 5.32 6.93 4.34
C LEU A 5 5.02 6.68 2.86
N SER A 6 5.72 7.40 1.99
CA SER A 6 5.53 7.26 0.54
C SER A 6 6.27 6.04 0.01
N TYR A 7 6.99 5.35 0.90
CA TYR A 7 7.75 4.18 0.49
C TYR A 7 6.82 3.12 -0.10
N GLY A 8 5.71 2.86 0.60
CA GLY A 8 4.75 1.87 0.15
C GLY A 8 4.02 1.24 1.32
N ALA A 9 3.64 2.07 2.29
CA ALA A 9 2.94 1.58 3.47
C ALA A 9 1.59 0.98 3.09
N GLY A 10 0.92 1.61 2.14
CA GLY A 10 -0.38 1.14 1.68
C GLY A 10 -1.03 2.14 0.72
N VAL A 11 -0.25 2.60 -0.25
CA VAL A 11 -0.76 3.56 -1.23
C VAL A 11 -1.92 2.97 -2.03
N ALA A 12 -1.74 1.72 -2.49
CA ALA A 12 -2.77 1.06 -3.27
C ALA A 12 -2.45 -0.42 -3.49
N SER A 13 -1.17 -0.76 -3.46
CA SER A 13 -0.74 -2.14 -3.66
C SER A 13 -1.25 -3.04 -2.54
N LEU A 14 -1.72 -2.43 -1.45
CA LEU A 14 -2.23 -3.20 -0.32
C LEU A 14 -3.73 -3.52 -0.50
N PRO A 15 -4.58 -2.52 -0.53
CA PRO A 15 -6.06 -2.74 -0.68
C PRO A 15 -6.43 -3.48 -1.98
N LEU A 16 -5.77 -3.15 -3.07
CA LEU A 16 -6.08 -3.79 -4.35
C LEU A 16 -5.82 -5.30 -4.27
N LEU A 17 -4.70 -5.67 -3.69
CA LEU A 17 -4.35 -7.08 -3.54
C LEU A 17 -5.32 -7.76 -2.58
N ASN A 18 -5.69 -7.05 -1.51
CA ASN A 18 -6.60 -7.60 -0.52
C ASN A 18 -7.95 -7.92 -1.16
N VAL A 19 -8.42 -7.03 -2.02
CA VAL A 19 -9.70 -7.24 -2.69
C VAL A 19 -9.62 -8.47 -3.59
N ILE A 20 -8.54 -8.56 -4.37
CA ILE A 20 -8.34 -9.69 -5.26
C ILE A 20 -8.21 -10.97 -4.43
N ALA A 21 -7.43 -10.88 -3.36
CA ALA A 21 -7.21 -12.03 -2.49
C ALA A 21 -8.35 -12.17 -1.50
N LEU A 2 10.63 11.84 4.85
CA LEU A 2 9.74 12.98 4.77
C LEU A 2 8.52 12.78 5.66
N GLY A 3 7.98 11.56 5.65
CA GLY A 3 6.82 11.25 6.47
C GLY A 3 6.32 9.84 6.18
N LEU A 4 7.00 8.85 6.75
CA LEU A 4 6.61 7.46 6.55
C LEU A 4 6.31 7.20 5.08
N LEU A 5 6.96 7.96 4.20
CA LEU A 5 6.77 7.82 2.77
C LEU A 5 7.22 6.44 2.30
N SER A 6 8.33 5.98 2.86
CA SER A 6 8.87 4.67 2.48
C SER A 6 7.86 3.56 2.73
N TYR A 7 7.22 3.60 3.89
CA TYR A 7 6.23 2.59 4.24
C TYR A 7 5.04 2.64 3.28
N GLY A 8 4.59 3.85 2.96
CA GLY A 8 3.46 4.03 2.06
C GLY A 8 3.92 4.16 0.61
N ALA A 9 5.13 3.68 0.33
CA ALA A 9 5.68 3.74 -1.01
C ALA A 9 4.92 2.81 -1.94
N GLY A 10 4.06 1.99 -1.36
CA GLY A 10 3.26 1.03 -2.15
C GLY A 10 1.94 0.74 -1.45
N VAL A 11 1.16 1.79 -1.23
CA VAL A 11 -0.13 1.65 -0.58
C VAL A 11 -1.05 0.78 -1.43
N ALA A 12 -0.79 0.74 -2.72
CA ALA A 12 -1.60 -0.06 -3.64
C ALA A 12 -1.42 -1.54 -3.33
N SER A 13 -0.64 -1.82 -2.29
CA SER A 13 -0.36 -3.20 -1.88
C SER A 13 -1.39 -3.69 -0.88
N LEU A 14 -2.59 -3.13 -0.91
CA LEU A 14 -3.65 -3.54 0.01
C LEU A 14 -5.05 -3.48 -0.64
N PRO A 15 -5.39 -2.41 -1.30
CA PRO A 15 -6.75 -2.29 -1.95
C PRO A 15 -7.01 -3.37 -2.99
N LEU A 16 -6.08 -3.52 -3.93
CA LEU A 16 -6.22 -4.53 -4.98
C LEU A 16 -6.21 -5.94 -4.37
N LEU A 17 -5.31 -6.16 -3.43
CA LEU A 17 -5.19 -7.46 -2.79
C LEU A 17 -6.46 -7.80 -2.02
N ASN A 18 -7.03 -6.79 -1.37
CA ASN A 18 -8.25 -7.00 -0.59
C ASN A 18 -9.39 -7.48 -1.48
N VAL A 19 -9.51 -6.87 -2.66
CA VAL A 19 -10.57 -7.25 -3.59
C VAL A 19 -10.36 -8.69 -4.05
N ILE A 20 -9.12 -8.99 -4.45
CA ILE A 20 -8.77 -10.33 -4.92
C ILE A 20 -8.93 -11.33 -3.77
N ALA A 21 -8.45 -10.94 -2.60
CA ALA A 21 -8.54 -11.81 -1.43
C ALA A 21 -9.98 -11.94 -0.96
N LEU A 2 11.32 8.25 7.42
CA LEU A 2 11.16 9.71 7.46
C LEU A 2 10.52 10.22 6.17
N GLY A 3 10.23 9.28 5.27
CA GLY A 3 9.62 9.62 3.99
C GLY A 3 9.12 8.38 3.26
N LEU A 4 9.80 7.27 3.47
CA LEU A 4 9.45 6.01 2.83
C LEU A 4 8.05 5.58 3.23
N LEU A 5 7.69 5.81 4.49
CA LEU A 5 6.37 5.43 4.99
C LEU A 5 5.25 6.13 4.22
N SER A 6 5.45 7.41 3.91
CA SER A 6 4.43 8.17 3.19
C SER A 6 4.13 7.53 1.83
N TYR A 7 5.17 7.16 1.10
CA TYR A 7 5.00 6.52 -0.20
C TYR A 7 4.35 5.16 -0.04
N GLY A 8 4.78 4.42 0.98
CA GLY A 8 4.25 3.09 1.24
C GLY A 8 2.99 3.16 2.12
N ALA A 9 2.33 4.31 2.10
CA ALA A 9 1.13 4.50 2.90
C ALA A 9 0.08 3.44 2.56
N GLY A 10 -0.01 3.12 1.27
CA GLY A 10 -0.98 2.12 0.82
C GLY A 10 -1.35 2.34 -0.65
N VAL A 11 -0.32 2.43 -1.50
CA VAL A 11 -0.55 2.64 -2.93
C VAL A 11 -0.86 1.31 -3.62
N ALA A 12 0.18 0.50 -3.79
CA ALA A 12 0.03 -0.81 -4.44
C ALA A 12 -0.08 -1.91 -3.39
N SER A 13 0.21 -1.56 -2.15
CA SER A 13 0.16 -2.51 -1.04
C SER A 13 -1.28 -2.73 -0.57
N LEU A 14 -2.23 -1.98 -1.14
CA LEU A 14 -3.64 -2.11 -0.73
C LEU A 14 -4.51 -2.66 -1.88
N PRO A 15 -4.46 -2.09 -3.06
CA PRO A 15 -5.29 -2.57 -4.20
C PRO A 15 -5.11 -4.05 -4.48
N LEU A 16 -3.84 -4.50 -4.51
CA LEU A 16 -3.57 -5.92 -4.77
C LEU A 16 -4.13 -6.79 -3.65
N LEU A 17 -3.92 -6.37 -2.41
CA LEU A 17 -4.44 -7.13 -1.28
C LEU A 17 -5.97 -7.13 -1.30
N ASN A 18 -6.53 -6.00 -1.69
CA ASN A 18 -7.98 -5.85 -1.76
C ASN A 18 -8.58 -6.88 -2.73
N VAL A 19 -7.91 -7.08 -3.86
CA VAL A 19 -8.40 -8.02 -4.85
C VAL A 19 -8.41 -9.44 -4.28
N ILE A 20 -7.30 -9.83 -3.65
CA ILE A 20 -7.21 -11.16 -3.05
C ILE A 20 -8.21 -11.30 -1.91
N ALA A 21 -8.29 -10.27 -1.08
CA ALA A 21 -9.20 -10.29 0.05
C ALA A 21 -10.64 -10.02 -0.41
N LEU A 2 10.02 9.77 7.46
CA LEU A 2 11.32 10.30 7.06
C LEU A 2 11.29 10.80 5.62
N GLY A 3 10.14 10.61 4.96
CA GLY A 3 9.99 11.06 3.58
C GLY A 3 8.79 10.39 2.92
N LEU A 4 7.75 10.16 3.71
CA LEU A 4 6.53 9.53 3.19
C LEU A 4 6.84 8.19 2.54
N LEU A 5 8.11 7.79 2.57
CA LEU A 5 8.49 6.51 1.99
C LEU A 5 7.81 5.38 2.75
N SER A 6 7.82 5.47 4.07
CA SER A 6 7.18 4.44 4.90
C SER A 6 5.67 4.62 4.90
N TYR A 7 5.23 5.85 4.64
CA TYR A 7 3.80 6.15 4.63
C TYR A 7 3.10 5.35 3.54
N GLY A 8 3.68 5.33 2.34
CA GLY A 8 3.10 4.59 1.23
C GLY A 8 3.63 3.16 1.19
N ALA A 9 4.94 3.03 0.95
CA ALA A 9 5.57 1.73 0.89
C ALA A 9 4.73 0.76 0.05
N GLY A 10 3.93 1.30 -0.87
CA GLY A 10 3.08 0.49 -1.72
C GLY A 10 1.61 0.85 -1.49
N VAL A 11 1.16 1.91 -2.14
CA VAL A 11 -0.22 2.35 -2.00
C VAL A 11 -1.19 1.29 -2.54
N ALA A 12 -0.84 0.74 -3.70
CA ALA A 12 -1.68 -0.29 -4.32
C ALA A 12 -1.71 -1.55 -3.47
N SER A 13 -0.86 -1.59 -2.45
CA SER A 13 -0.80 -2.74 -1.56
C SER A 13 -2.10 -2.90 -0.77
N LEU A 14 -2.98 -1.91 -0.88
CA LEU A 14 -4.25 -1.94 -0.16
C LEU A 14 -5.36 -2.55 -1.06
N PRO A 15 -5.73 -1.88 -2.12
CA PRO A 15 -6.82 -2.37 -3.04
C PRO A 15 -6.50 -3.72 -3.69
N LEU A 16 -5.24 -3.98 -3.97
CA LEU A 16 -4.86 -5.23 -4.61
C LEU A 16 -5.20 -6.42 -3.71
N LEU A 17 -4.93 -6.25 -2.42
CA LEU A 17 -5.20 -7.31 -1.46
C LEU A 17 -6.71 -7.54 -1.33
N ASN A 18 -7.48 -6.45 -1.34
CA ASN A 18 -8.92 -6.54 -1.23
C ASN A 18 -9.49 -7.31 -2.42
N VAL A 19 -8.95 -7.04 -3.61
CA VAL A 19 -9.41 -7.74 -4.81
C VAL A 19 -9.10 -9.23 -4.69
N ILE A 20 -7.89 -9.55 -4.24
CA ILE A 20 -7.49 -10.93 -4.08
C ILE A 20 -8.35 -11.58 -3.01
N ALA A 21 -8.55 -10.87 -1.92
CA ALA A 21 -9.38 -11.37 -0.82
C ALA A 21 -10.85 -11.29 -1.17
N LEU A 2 9.85 11.55 6.14
CA LEU A 2 8.64 11.99 5.46
C LEU A 2 8.49 11.26 4.12
N GLY A 3 9.60 11.13 3.41
CA GLY A 3 9.59 10.45 2.12
C GLY A 3 9.43 8.95 2.31
N LEU A 4 10.00 8.45 3.39
CA LEU A 4 9.94 7.03 3.70
C LEU A 4 8.49 6.60 3.94
N LEU A 5 7.71 7.48 4.56
CA LEU A 5 6.32 7.17 4.85
C LEU A 5 5.57 6.94 3.53
N SER A 6 5.84 7.80 2.54
CA SER A 6 5.19 7.71 1.24
C SER A 6 5.82 6.61 0.39
N TYR A 7 6.80 5.92 0.95
CA TYR A 7 7.50 4.85 0.24
C TYR A 7 6.52 3.77 -0.19
N GLY A 8 5.67 3.35 0.75
CA GLY A 8 4.68 2.32 0.48
C GLY A 8 4.31 1.58 1.76
N ALA A 9 3.79 2.32 2.74
CA ALA A 9 3.40 1.72 4.01
C ALA A 9 2.29 0.70 3.80
N GLY A 10 1.36 1.02 2.90
CA GLY A 10 0.24 0.12 2.61
C GLY A 10 -0.98 0.91 2.15
N VAL A 11 -0.91 1.47 0.94
CA VAL A 11 -2.01 2.25 0.39
C VAL A 11 -2.91 1.35 -0.46
N ALA A 12 -2.46 1.06 -1.67
CA ALA A 12 -3.22 0.21 -2.59
C ALA A 12 -2.74 -1.24 -2.51
N SER A 13 -1.69 -1.45 -1.73
CA SER A 13 -1.13 -2.80 -1.58
C SER A 13 -1.81 -3.58 -0.45
N LEU A 14 -2.69 -2.91 0.29
CA LEU A 14 -3.38 -3.56 1.42
C LEU A 14 -4.87 -3.78 1.14
N PRO A 15 -5.58 -2.80 0.63
CA PRO A 15 -7.03 -2.91 0.34
C PRO A 15 -7.32 -3.39 -1.07
N LEU A 16 -6.82 -2.64 -2.06
CA LEU A 16 -7.05 -3.00 -3.46
C LEU A 16 -6.42 -4.35 -3.79
N LEU A 17 -5.22 -4.59 -3.29
CA LEU A 17 -4.53 -5.85 -3.55
C LEU A 17 -5.34 -7.01 -2.97
N ASN A 18 -5.90 -6.80 -1.79
CA ASN A 18 -6.69 -7.84 -1.13
C ASN A 18 -7.90 -8.22 -1.99
N VAL A 19 -8.54 -7.23 -2.60
CA VAL A 19 -9.71 -7.48 -3.44
C VAL A 19 -9.32 -8.36 -4.64
N ILE A 20 -8.24 -7.98 -5.30
CA ILE A 20 -7.77 -8.74 -6.46
C ILE A 20 -7.27 -10.12 -6.02
N ALA A 21 -6.53 -10.14 -4.92
CA ALA A 21 -6.00 -11.39 -4.39
C ALA A 21 -7.11 -12.22 -3.76
N LEU A 2 7.00 11.97 4.99
CA LEU A 2 8.08 11.55 4.10
C LEU A 2 8.58 10.16 4.47
N GLY A 3 8.72 9.90 5.77
CA GLY A 3 9.17 8.60 6.24
C GLY A 3 8.09 7.56 6.05
N LEU A 4 6.85 7.96 6.36
CA LEU A 4 5.71 7.07 6.24
C LEU A 4 5.51 6.64 4.78
N LEU A 5 5.75 7.56 3.87
CA LEU A 5 5.59 7.27 2.45
C LEU A 5 6.52 6.13 2.02
N SER A 6 7.72 6.11 2.56
CA SER A 6 8.70 5.07 2.21
C SER A 6 8.13 3.68 2.52
N TYR A 7 7.53 3.52 3.70
CA TYR A 7 6.95 2.24 4.07
C TYR A 7 5.81 1.88 3.13
N GLY A 8 4.98 2.88 2.81
CA GLY A 8 3.84 2.69 1.92
C GLY A 8 4.13 3.34 0.58
N ALA A 9 5.37 3.20 0.13
CA ALA A 9 5.79 3.79 -1.14
C ALA A 9 4.93 3.26 -2.29
N GLY A 10 4.56 1.98 -2.22
CA GLY A 10 3.74 1.36 -3.24
C GLY A 10 2.62 0.54 -2.62
N VAL A 11 2.24 -0.52 -3.32
CA VAL A 11 1.17 -1.40 -2.84
C VAL A 11 -0.14 -0.64 -2.67
N ALA A 12 -0.09 0.67 -2.86
CA ALA A 12 -1.28 1.50 -2.73
C ALA A 12 -2.02 1.21 -1.43
N SER A 13 -1.26 0.85 -0.39
CA SER A 13 -1.86 0.55 0.90
C SER A 13 -2.64 -0.77 0.85
N LEU A 14 -2.37 -1.55 -0.18
CA LEU A 14 -3.04 -2.84 -0.36
C LEU A 14 -4.56 -2.68 -0.36
N PRO A 15 -5.11 -2.02 -1.35
CA PRO A 15 -6.58 -1.81 -1.46
C PRO A 15 -7.24 -2.89 -2.33
N LEU A 16 -7.03 -2.79 -3.63
CA LEU A 16 -7.60 -3.75 -4.58
C LEU A 16 -7.03 -5.14 -4.32
N LEU A 17 -5.75 -5.20 -4.00
CA LEU A 17 -5.08 -6.47 -3.75
C LEU A 17 -5.74 -7.18 -2.56
N ASN A 18 -6.08 -6.42 -1.53
CA ASN A 18 -6.70 -6.99 -0.36
C ASN A 18 -8.05 -7.61 -0.72
N VAL A 19 -8.81 -6.91 -1.56
CA VAL A 19 -10.11 -7.43 -1.99
C VAL A 19 -9.93 -8.69 -2.82
N ILE A 20 -8.97 -8.65 -3.74
CA ILE A 20 -8.69 -9.79 -4.60
C ILE A 20 -8.20 -10.96 -3.74
N ALA A 21 -7.32 -10.66 -2.80
CA ALA A 21 -6.77 -11.70 -1.93
C ALA A 21 -7.83 -12.20 -0.96
N LEU A 2 6.59 8.32 8.28
CA LEU A 2 7.60 9.37 8.13
C LEU A 2 8.75 8.90 7.25
N GLY A 3 8.45 8.00 6.33
CA GLY A 3 9.48 7.48 5.42
C GLY A 3 8.95 6.31 4.60
N LEU A 4 8.37 5.33 5.29
CA LEU A 4 7.82 4.15 4.62
C LEU A 4 6.67 4.54 3.71
N LEU A 5 5.90 5.53 4.14
CA LEU A 5 4.75 5.99 3.36
C LEU A 5 5.20 6.46 1.97
N SER A 6 6.33 7.15 1.91
CA SER A 6 6.83 7.67 0.64
C SER A 6 7.06 6.54 -0.37
N TYR A 7 7.24 5.31 0.13
CA TYR A 7 7.48 4.18 -0.77
C TYR A 7 6.15 3.67 -1.34
N GLY A 8 5.10 4.46 -1.17
CA GLY A 8 3.78 4.07 -1.68
C GLY A 8 3.12 3.04 -0.78
N ALA A 9 3.47 3.07 0.50
CA ALA A 9 2.90 2.14 1.45
C ALA A 9 1.42 2.43 1.65
N GLY A 10 0.96 3.56 1.11
CA GLY A 10 -0.44 3.96 1.23
C GLY A 10 -1.22 3.63 -0.05
N VAL A 11 -0.75 4.17 -1.17
CA VAL A 11 -1.40 3.93 -2.46
C VAL A 11 -1.31 2.46 -2.86
N ALA A 12 -0.13 1.87 -2.69
CA ALA A 12 0.09 0.47 -3.04
C ALA A 12 -0.49 -0.46 -1.99
N SER A 13 -1.20 0.11 -1.02
CA SER A 13 -1.81 -0.69 0.06
C SER A 13 -3.32 -0.62 -0.04
N LEU A 14 -3.83 -0.75 -1.28
CA LEU A 14 -5.27 -0.72 -1.52
C LEU A 14 -5.64 -1.68 -2.67
N PRO A 15 -4.93 -1.63 -3.78
CA PRO A 15 -5.22 -2.51 -4.95
C PRO A 15 -4.87 -3.99 -4.68
N LEU A 16 -3.59 -4.22 -4.39
CA LEU A 16 -3.10 -5.59 -4.15
C LEU A 16 -3.74 -6.19 -2.91
N LEU A 17 -3.86 -5.42 -1.85
CA LEU A 17 -4.45 -5.92 -0.61
C LEU A 17 -5.90 -6.32 -0.85
N ASN A 18 -6.62 -5.51 -1.61
CA ASN A 18 -8.02 -5.80 -1.89
C ASN A 18 -8.14 -7.12 -2.64
N VAL A 19 -7.24 -7.33 -3.60
CA VAL A 19 -7.24 -8.57 -4.38
C VAL A 19 -6.93 -9.75 -3.47
N ILE A 20 -5.91 -9.59 -2.63
CA ILE A 20 -5.53 -10.65 -1.70
C ILE A 20 -6.66 -10.91 -0.70
N ALA A 21 -7.24 -9.82 -0.21
CA ALA A 21 -8.33 -9.93 0.76
C ALA A 21 -9.53 -10.62 0.12
N LEU A 2 4.98 8.38 8.63
CA LEU A 2 5.30 9.15 7.43
C LEU A 2 6.08 8.29 6.45
N GLY A 3 7.03 7.51 6.96
CA GLY A 3 7.84 6.66 6.12
C GLY A 3 6.97 5.58 5.50
N LEU A 4 6.09 5.02 6.31
CA LEU A 4 5.20 3.97 5.84
C LEU A 4 4.25 4.51 4.77
N LEU A 5 3.76 5.73 4.99
CA LEU A 5 2.84 6.33 4.04
C LEU A 5 3.53 6.50 2.67
N SER A 6 4.72 7.08 2.68
CA SER A 6 5.47 7.28 1.45
C SER A 6 5.86 5.94 0.84
N TYR A 7 6.36 5.05 1.69
CA TYR A 7 6.77 3.72 1.27
C TYR A 7 5.58 2.94 0.70
N GLY A 8 4.45 2.99 1.41
CA GLY A 8 3.24 2.28 0.97
C GLY A 8 2.27 3.25 0.31
N ALA A 9 2.80 4.28 -0.34
CA ALA A 9 1.96 5.26 -1.02
C ALA A 9 1.17 4.60 -2.14
N GLY A 10 1.79 3.64 -2.82
CA GLY A 10 1.13 2.92 -3.90
C GLY A 10 1.75 1.53 -4.07
N VAL A 11 2.74 1.44 -4.95
CA VAL A 11 3.41 0.17 -5.20
C VAL A 11 2.44 -0.87 -5.76
N ALA A 12 1.15 -0.52 -5.79
CA ALA A 12 0.13 -1.43 -6.31
C ALA A 12 0.37 -2.85 -5.80
N SER A 13 1.16 -2.97 -4.73
CA SER A 13 1.48 -4.27 -4.15
C SER A 13 1.09 -4.30 -2.68
N LEU A 14 0.24 -3.35 -2.27
CA LEU A 14 -0.21 -3.27 -0.88
C LEU A 14 -1.63 -2.71 -0.80
N PRO A 15 -1.93 -1.61 -1.47
CA PRO A 15 -3.29 -1.00 -1.42
C PRO A 15 -4.36 -1.91 -2.03
N LEU A 16 -4.16 -2.27 -3.29
CA LEU A 16 -5.12 -3.13 -3.98
C LEU A 16 -5.18 -4.51 -3.33
N LEU A 17 -4.03 -5.04 -2.95
CA LEU A 17 -3.96 -6.35 -2.32
C LEU A 17 -4.73 -6.35 -1.00
N ASN A 18 -4.58 -5.27 -0.23
CA ASN A 18 -5.26 -5.17 1.05
C ASN A 18 -6.78 -5.19 0.87
N VAL A 19 -7.27 -4.45 -0.13
CA VAL A 19 -8.70 -4.40 -0.38
C VAL A 19 -9.21 -5.78 -0.82
N ILE A 20 -8.50 -6.40 -1.76
CA ILE A 20 -8.87 -7.71 -2.24
C ILE A 20 -8.74 -8.74 -1.13
N ALA A 21 -7.63 -8.65 -0.38
CA ALA A 21 -7.39 -9.57 0.71
C ALA A 21 -8.22 -9.19 1.93
N LEU A 2 7.24 11.34 4.68
CA LEU A 2 8.46 11.01 5.41
C LEU A 2 8.29 9.72 6.19
N GLY A 3 7.88 8.65 5.50
CA GLY A 3 7.68 7.36 6.15
C GLY A 3 6.58 6.56 5.46
N LEU A 4 5.34 7.00 5.66
CA LEU A 4 4.19 6.33 5.07
C LEU A 4 4.25 6.38 3.55
N LEU A 5 4.67 7.51 3.00
CA LEU A 5 4.72 7.65 1.55
C LEU A 5 5.69 6.63 0.94
N SER A 6 6.89 6.54 1.52
CA SER A 6 7.88 5.59 1.01
C SER A 6 7.40 4.16 1.25
N TYR A 7 6.89 3.91 2.46
CA TYR A 7 6.39 2.60 2.83
C TYR A 7 5.19 2.20 1.97
N GLY A 8 4.28 3.14 1.79
CA GLY A 8 3.08 2.89 0.99
C GLY A 8 3.38 3.00 -0.51
N ALA A 9 4.65 3.19 -0.84
CA ALA A 9 5.04 3.30 -2.24
C ALA A 9 4.70 2.02 -2.99
N GLY A 10 4.92 0.88 -2.34
CA GLY A 10 4.63 -0.42 -2.94
C GLY A 10 3.38 -1.03 -2.33
N VAL A 11 3.36 -1.09 -0.99
CA VAL A 11 2.21 -1.65 -0.29
C VAL A 11 0.95 -0.85 -0.57
N ALA A 12 1.08 0.47 -0.51
CA ALA A 12 -0.05 1.35 -0.75
C ALA A 12 -1.18 1.10 0.24
N SER A 13 -0.81 0.62 1.43
CA SER A 13 -1.80 0.34 2.46
C SER A 13 -2.66 -0.87 2.11
N LEU A 14 -2.14 -1.74 1.26
CA LEU A 14 -2.89 -2.94 0.85
C LEU A 14 -4.30 -2.54 0.41
N PRO A 15 -4.42 -1.86 -0.71
CA PRO A 15 -5.72 -1.42 -1.26
C PRO A 15 -6.28 -2.41 -2.28
N LEU A 16 -5.78 -2.32 -3.51
CA LEU A 16 -6.23 -3.20 -4.58
C LEU A 16 -5.90 -4.64 -4.28
N LEU A 17 -4.72 -4.86 -3.71
CA LEU A 17 -4.28 -6.22 -3.37
C LEU A 17 -5.24 -6.85 -2.37
N ASN A 18 -5.66 -6.05 -1.39
CA ASN A 18 -6.58 -6.55 -0.37
C ASN A 18 -7.90 -6.97 -1.01
N VAL A 19 -8.37 -6.18 -1.97
CA VAL A 19 -9.62 -6.49 -2.65
C VAL A 19 -9.49 -7.81 -3.41
N ILE A 20 -8.37 -7.94 -4.13
CA ILE A 20 -8.12 -9.15 -4.90
C ILE A 20 -7.97 -10.34 -3.96
N ALA A 21 -7.25 -10.14 -2.88
CA ALA A 21 -7.04 -11.19 -1.89
C ALA A 21 -8.34 -11.53 -1.18
N LEU A 2 6.95 7.05 9.45
CA LEU A 2 7.09 8.47 9.12
C LEU A 2 8.04 8.66 7.95
N GLY A 3 8.09 7.66 7.07
CA GLY A 3 8.97 7.73 5.90
C GLY A 3 8.57 6.69 4.87
N LEU A 4 8.10 5.54 5.34
CA LEU A 4 7.69 4.46 4.45
C LEU A 4 6.27 4.69 3.95
N LEU A 5 5.59 5.67 4.55
CA LEU A 5 4.22 5.99 4.17
C LEU A 5 4.16 6.47 2.71
N SER A 6 5.12 7.30 2.33
CA SER A 6 5.15 7.82 0.96
C SER A 6 5.29 6.68 -0.04
N TYR A 7 6.20 5.76 0.23
CA TYR A 7 6.42 4.62 -0.66
C TYR A 7 5.17 3.74 -0.68
N GLY A 8 4.60 3.52 0.50
CA GLY A 8 3.39 2.69 0.62
C GLY A 8 2.15 3.58 0.70
N ALA A 9 2.22 4.73 0.04
CA ALA A 9 1.09 5.67 0.05
C ALA A 9 -0.14 5.02 -0.56
N GLY A 10 0.05 4.21 -1.59
CA GLY A 10 -1.07 3.54 -2.24
C GLY A 10 -0.65 2.90 -3.56
N VAL A 11 0.61 2.47 -3.64
CA VAL A 11 1.11 1.84 -4.85
C VAL A 11 0.86 0.33 -4.80
N ALA A 12 1.71 -0.37 -4.04
CA ALA A 12 1.57 -1.82 -3.89
C ALA A 12 0.91 -2.15 -2.56
N SER A 13 0.74 -1.12 -1.73
CA SER A 13 0.12 -1.29 -0.42
C SER A 13 -1.39 -1.21 -0.50
N LEU A 14 -1.94 -1.22 -1.71
CA LEU A 14 -3.39 -1.15 -1.90
C LEU A 14 -3.89 -2.25 -2.86
N PRO A 15 -3.34 -2.37 -4.04
CA PRO A 15 -3.79 -3.42 -5.01
C PRO A 15 -3.71 -4.83 -4.43
N LEU A 16 -2.57 -5.16 -3.84
CA LEU A 16 -2.38 -6.49 -3.25
C LEU A 16 -3.35 -6.69 -2.09
N LEU A 17 -3.49 -5.67 -1.25
CA LEU A 17 -4.38 -5.75 -0.11
C LEU A 17 -5.83 -5.83 -0.57
N ASN A 18 -6.14 -5.10 -1.64
CA ASN A 18 -7.49 -5.10 -2.19
C ASN A 18 -7.91 -6.50 -2.62
N VAL A 19 -6.99 -7.22 -3.27
CA VAL A 19 -7.27 -8.57 -3.72
C VAL A 19 -7.52 -9.48 -2.53
N ILE A 20 -6.67 -9.35 -1.51
CA ILE A 20 -6.80 -10.15 -0.30
C ILE A 20 -8.11 -9.81 0.40
N ALA A 21 -8.41 -8.52 0.47
CA ALA A 21 -9.63 -8.06 1.11
C ALA A 21 -10.79 -8.08 0.13
N LEU A 2 7.31 8.16 8.39
CA LEU A 2 8.40 7.28 8.79
C LEU A 2 9.44 7.19 7.68
N GLY A 3 9.15 7.82 6.54
CA GLY A 3 10.07 7.81 5.40
C GLY A 3 9.58 6.84 4.34
N LEU A 4 8.78 5.86 4.75
CA LEU A 4 8.23 4.87 3.83
C LEU A 4 6.88 5.33 3.30
N LEU A 5 6.40 6.46 3.80
CA LEU A 5 5.11 6.99 3.36
C LEU A 5 5.16 7.32 1.87
N SER A 6 6.25 7.96 1.44
CA SER A 6 6.41 8.31 0.04
C SER A 6 6.74 7.06 -0.77
N TYR A 7 7.45 6.13 -0.15
CA TYR A 7 7.82 4.89 -0.81
C TYR A 7 6.59 4.14 -1.31
N GLY A 8 5.41 4.71 -1.08
CA GLY A 8 4.17 4.09 -1.52
C GLY A 8 3.75 2.99 -0.56
N ALA A 9 4.11 3.15 0.72
CA ALA A 9 3.77 2.16 1.73
C ALA A 9 2.41 2.49 2.36
N GLY A 10 1.41 2.68 1.52
CA GLY A 10 0.07 2.99 2.02
C GLY A 10 -0.81 3.56 0.90
N VAL A 11 -0.67 2.99 -0.29
CA VAL A 11 -1.45 3.43 -1.44
C VAL A 11 -1.81 2.25 -2.35
N ALA A 12 -0.80 1.46 -2.70
CA ALA A 12 -1.00 0.29 -3.56
C ALA A 12 -1.12 -0.98 -2.72
N SER A 13 -0.83 -0.84 -1.43
CA SER A 13 -0.89 -1.97 -0.52
C SER A 13 -2.32 -2.22 -0.04
N LEU A 14 -3.23 -1.32 -0.40
CA LEU A 14 -4.63 -1.45 0.01
C LEU A 14 -5.47 -2.14 -1.08
N PRO A 15 -5.64 -1.53 -2.23
CA PRO A 15 -6.47 -2.11 -3.33
C PRO A 15 -5.95 -3.48 -3.80
N LEU A 16 -4.64 -3.62 -3.94
CA LEU A 16 -4.07 -4.89 -4.39
C LEU A 16 -4.37 -6.00 -3.38
N LEU A 17 -4.24 -5.67 -2.10
CA LEU A 17 -4.51 -6.63 -1.04
C LEU A 17 -5.99 -7.01 -1.06
N ASN A 18 -6.85 -6.02 -1.31
CA ASN A 18 -8.28 -6.25 -1.35
C ASN A 18 -8.63 -7.25 -2.46
N VAL A 19 -7.98 -7.11 -3.61
CA VAL A 19 -8.24 -8.01 -4.73
C VAL A 19 -7.88 -9.44 -4.34
N ILE A 20 -6.73 -9.60 -3.71
CA ILE A 20 -6.30 -10.92 -3.28
C ILE A 20 -7.26 -11.46 -2.23
N ALA A 21 -7.65 -10.59 -1.30
CA ALA A 21 -8.57 -10.97 -0.25
C ALA A 21 -9.85 -11.56 -0.84
N LEU A 2 6.57 11.30 4.47
CA LEU A 2 5.51 12.02 5.17
C LEU A 2 4.83 11.11 6.19
N GLY A 3 4.59 9.87 5.79
CA GLY A 3 3.95 8.90 6.69
C GLY A 3 4.09 7.48 6.14
N LEU A 4 5.33 7.00 6.04
CA LEU A 4 5.59 5.66 5.53
C LEU A 4 4.86 5.45 4.21
N LEU A 5 4.29 6.51 3.66
CA LEU A 5 3.58 6.41 2.38
C LEU A 5 4.56 5.99 1.29
N SER A 6 5.72 6.61 1.28
CA SER A 6 6.75 6.30 0.28
C SER A 6 7.36 4.94 0.55
N TYR A 7 7.20 4.45 1.79
CA TYR A 7 7.75 3.15 2.17
C TYR A 7 7.16 2.06 1.29
N GLY A 8 5.84 2.10 1.11
CA GLY A 8 5.16 1.10 0.29
C GLY A 8 5.65 1.17 -1.16
N ALA A 9 5.89 2.38 -1.63
CA ALA A 9 6.35 2.58 -3.00
C ALA A 9 5.45 1.87 -3.99
N GLY A 10 4.27 1.45 -3.52
CA GLY A 10 3.32 0.76 -4.37
C GLY A 10 2.41 -0.14 -3.54
N VAL A 11 2.93 -0.67 -2.44
CA VAL A 11 2.16 -1.55 -1.57
C VAL A 11 0.98 -0.81 -0.97
N ALA A 12 1.22 0.42 -0.50
CA ALA A 12 0.16 1.22 0.10
C ALA A 12 -0.56 0.43 1.20
N SER A 13 0.21 -0.33 1.97
CA SER A 13 -0.36 -1.12 3.05
C SER A 13 -1.27 -2.22 2.51
N LEU A 14 -1.23 -2.42 1.20
CA LEU A 14 -2.05 -3.45 0.56
C LEU A 14 -3.54 -3.18 0.80
N PRO A 15 -4.06 -2.15 0.19
CA PRO A 15 -5.49 -1.76 0.32
C PRO A 15 -6.36 -2.37 -0.81
N LEU A 16 -6.20 -1.82 -2.01
CA LEU A 16 -6.95 -2.30 -3.17
C LEU A 16 -6.60 -3.75 -3.48
N LEU A 17 -5.32 -4.08 -3.37
CA LEU A 17 -4.86 -5.43 -3.64
C LEU A 17 -5.51 -6.41 -2.68
N ASN A 18 -5.61 -6.02 -1.42
CA ASN A 18 -6.23 -6.87 -0.41
C ASN A 18 -7.68 -7.16 -0.77
N VAL A 19 -8.39 -6.14 -1.24
CA VAL A 19 -9.79 -6.30 -1.62
C VAL A 19 -9.89 -7.29 -2.78
N ILE A 20 -9.03 -7.11 -3.78
CA ILE A 20 -9.03 -7.99 -4.94
C ILE A 20 -8.65 -9.41 -4.51
N ALA A 21 -7.63 -9.49 -3.65
CA ALA A 21 -7.17 -10.79 -3.17
C ALA A 21 -8.24 -11.43 -2.28
N LEU A 2 8.65 8.08 7.91
CA LEU A 2 7.88 9.09 8.64
C LEU A 2 6.99 9.87 7.68
N GLY A 3 7.06 9.53 6.39
CA GLY A 3 6.25 10.23 5.39
C GLY A 3 6.14 9.41 4.11
N LEU A 4 7.20 8.67 3.78
CA LEU A 4 7.20 7.85 2.57
C LEU A 4 6.61 6.47 2.84
N LEU A 5 6.33 6.18 4.10
CA LEU A 5 5.77 4.89 4.48
C LEU A 5 4.40 4.70 3.82
N SER A 6 3.58 5.75 3.85
CA SER A 6 2.25 5.69 3.27
C SER A 6 2.29 6.00 1.77
N TYR A 7 3.41 6.57 1.33
CA TYR A 7 3.57 6.91 -0.07
C TYR A 7 3.50 5.66 -0.96
N GLY A 8 4.20 4.62 -0.56
CA GLY A 8 4.20 3.37 -1.33
C GLY A 8 5.41 2.51 -0.99
N ALA A 9 5.71 2.39 0.29
CA ALA A 9 6.85 1.58 0.74
C ALA A 9 6.39 0.18 1.12
N GLY A 10 5.28 -0.25 0.54
CA GLY A 10 4.74 -1.58 0.82
C GLY A 10 3.31 -1.68 0.31
N VAL A 11 2.58 -0.59 0.49
CA VAL A 11 1.20 -0.54 0.04
C VAL A 11 1.17 -0.63 -1.49
N ALA A 12 2.09 0.11 -2.12
CA ALA A 12 2.18 0.11 -3.58
C ALA A 12 1.06 0.95 -4.18
N SER A 13 -0.17 0.48 -3.95
CA SER A 13 -1.35 1.16 -4.46
C SER A 13 -2.59 0.38 -4.06
N LEU A 14 -2.57 -0.14 -2.84
CA LEU A 14 -3.66 -0.93 -2.33
C LEU A 14 -4.14 -1.95 -3.37
N PRO A 15 -3.25 -2.78 -3.89
CA PRO A 15 -3.61 -3.81 -4.90
C PRO A 15 -3.90 -5.16 -4.25
N LEU A 16 -2.93 -5.64 -3.49
CA LEU A 16 -3.05 -6.92 -2.80
C LEU A 16 -4.18 -6.85 -1.77
N LEU A 17 -4.26 -5.71 -1.07
CA LEU A 17 -5.29 -5.53 -0.06
C LEU A 17 -6.68 -5.59 -0.70
N ASN A 18 -6.80 -4.99 -1.88
CA ASN A 18 -8.06 -4.99 -2.60
C ASN A 18 -8.48 -6.42 -2.95
N VAL A 19 -7.51 -7.23 -3.37
CA VAL A 19 -7.80 -8.61 -3.72
C VAL A 19 -8.33 -9.36 -2.50
N ILE A 20 -7.66 -9.18 -1.37
CA ILE A 20 -8.08 -9.83 -0.13
C ILE A 20 -9.46 -9.30 0.28
N ALA A 21 -9.64 -7.99 0.17
CA ALA A 21 -10.91 -7.37 0.53
C ALA A 21 -12.04 -7.95 -0.31
N LEU A 2 3.77 9.19 8.58
CA LEU A 2 5.17 8.87 8.83
C LEU A 2 6.04 9.39 7.69
N GLY A 3 5.52 9.27 6.47
CA GLY A 3 6.25 9.72 5.28
C GLY A 3 6.91 8.55 4.58
N LEU A 4 6.70 7.37 5.13
CA LEU A 4 7.27 6.14 4.57
C LEU A 4 6.33 5.55 3.52
N LEU A 5 5.11 6.07 3.48
CA LEU A 5 4.12 5.58 2.52
C LEU A 5 4.59 5.86 1.09
N SER A 6 5.16 7.04 0.89
CA SER A 6 5.64 7.43 -0.43
C SER A 6 6.73 6.48 -0.92
N TYR A 7 7.62 6.10 -0.01
CA TYR A 7 8.71 5.19 -0.37
C TYR A 7 8.15 3.87 -0.89
N GLY A 8 6.82 3.76 -0.95
CA GLY A 8 6.18 2.56 -1.44
C GLY A 8 6.10 1.50 -0.35
N ALA A 9 5.90 1.94 0.90
CA ALA A 9 5.81 1.01 2.00
C ALA A 9 4.64 0.07 1.80
N GLY A 10 3.55 0.60 1.25
CA GLY A 10 2.35 -0.19 0.97
C GLY A 10 1.96 -0.03 -0.48
N VAL A 11 2.40 1.09 -1.08
CA VAL A 11 2.11 1.37 -2.47
C VAL A 11 0.61 1.54 -2.69
N ALA A 12 -0.18 1.26 -1.66
CA ALA A 12 -1.63 1.38 -1.75
C ALA A 12 -2.12 0.73 -3.04
N SER A 13 -1.25 -0.06 -3.66
CA SER A 13 -1.57 -0.75 -4.92
C SER A 13 -1.32 -2.24 -4.78
N LEU A 14 -1.68 -2.79 -3.61
CA LEU A 14 -1.48 -4.22 -3.37
C LEU A 14 -2.13 -4.63 -2.04
N PRO A 15 -1.93 -3.88 -0.99
CA PRO A 15 -2.52 -4.22 0.35
C PRO A 15 -4.04 -4.17 0.34
N LEU A 16 -4.59 -3.01 -0.03
CA LEU A 16 -6.04 -2.85 -0.07
C LEU A 16 -6.66 -3.76 -1.12
N LEU A 17 -6.01 -3.84 -2.29
CA LEU A 17 -6.50 -4.67 -3.38
C LEU A 17 -6.51 -6.14 -2.97
N ASN A 18 -5.47 -6.56 -2.27
CA ASN A 18 -5.36 -7.94 -1.83
C ASN A 18 -6.51 -8.31 -0.90
N VAL A 19 -6.90 -7.38 -0.04
CA VAL A 19 -7.99 -7.63 0.90
C VAL A 19 -9.29 -7.89 0.12
N ILE A 20 -9.57 -7.04 -0.86
CA ILE A 20 -10.77 -7.21 -1.67
C ILE A 20 -10.66 -8.49 -2.48
N ALA A 21 -9.50 -8.73 -3.05
CA ALA A 21 -9.27 -9.93 -3.85
C ALA A 21 -9.14 -11.15 -2.94
N LEU A 2 5.89 11.79 7.65
CA LEU A 2 6.01 10.73 8.65
C LEU A 2 7.02 9.69 8.20
N GLY A 3 7.00 9.39 6.90
CA GLY A 3 7.90 8.39 6.33
C GLY A 3 7.16 7.09 6.10
N LEU A 4 5.89 7.09 6.46
CA LEU A 4 5.04 5.90 6.29
C LEU A 4 4.29 5.96 4.98
N LEU A 5 4.45 7.07 4.26
CA LEU A 5 3.77 7.24 2.97
C LEU A 5 4.27 6.18 1.98
N SER A 6 5.58 5.95 1.99
CA SER A 6 6.19 4.97 1.10
C SER A 6 5.85 3.56 1.55
N TYR A 7 5.16 3.45 2.69
CA TYR A 7 4.78 2.15 3.22
C TYR A 7 3.93 1.37 2.23
N GLY A 8 2.91 2.04 1.66
CA GLY A 8 2.02 1.40 0.70
C GLY A 8 1.54 2.37 -0.38
N ALA A 9 1.92 3.64 -0.27
CA ALA A 9 1.51 4.64 -1.26
C ALA A 9 2.36 4.53 -2.52
N GLY A 10 2.13 3.49 -3.31
CA GLY A 10 2.88 3.27 -4.54
C GLY A 10 3.14 1.79 -4.76
N VAL A 11 3.15 1.04 -3.67
CA VAL A 11 3.40 -0.40 -3.74
C VAL A 11 2.31 -1.08 -4.56
N ALA A 12 1.06 -0.72 -4.29
CA ALA A 12 -0.07 -1.30 -5.01
C ALA A 12 0.09 -2.80 -5.12
N SER A 13 0.62 -3.42 -4.08
CA SER A 13 0.82 -4.86 -4.05
C SER A 13 0.61 -5.39 -2.63
N LEU A 14 -0.24 -4.72 -1.88
CA LEU A 14 -0.52 -5.14 -0.51
C LEU A 14 -1.71 -4.37 0.07
N PRO A 15 -1.77 -3.07 -0.12
CA PRO A 15 -2.89 -2.24 0.42
C PRO A 15 -4.20 -2.49 -0.34
N LEU A 16 -4.23 -2.04 -1.58
CA LEU A 16 -5.40 -2.20 -2.44
C LEU A 16 -5.64 -3.66 -2.76
N LEU A 17 -4.55 -4.39 -2.98
CA LEU A 17 -4.65 -5.81 -3.31
C LEU A 17 -5.33 -6.58 -2.18
N ASN A 18 -4.97 -6.25 -0.95
CA ASN A 18 -5.58 -6.91 0.20
C ASN A 18 -7.08 -6.66 0.25
N VAL A 19 -7.47 -5.43 -0.07
CA VAL A 19 -8.89 -5.07 -0.06
C VAL A 19 -9.65 -5.92 -1.08
N ILE A 20 -9.08 -6.02 -2.28
CA ILE A 20 -9.69 -6.81 -3.34
C ILE A 20 -9.73 -8.28 -2.92
N ALA A 21 -8.62 -8.74 -2.35
CA ALA A 21 -8.51 -10.13 -1.91
C ALA A 21 -9.51 -10.41 -0.78
N LEU A 2 1.24 5.84 7.28
CA LEU A 2 1.72 5.03 8.40
C LEU A 2 3.22 5.22 8.58
N GLY A 3 3.95 5.25 7.46
CA GLY A 3 5.40 5.42 7.49
C GLY A 3 5.94 5.63 6.09
N LEU A 4 5.28 6.53 5.35
CA LEU A 4 5.68 6.84 3.98
C LEU A 4 5.53 5.60 3.09
N LEU A 5 5.20 4.47 3.70
CA LEU A 5 5.04 3.22 2.97
C LEU A 5 3.89 3.31 1.95
N SER A 6 2.77 3.89 2.39
CA SER A 6 1.60 4.01 1.54
C SER A 6 1.86 4.86 0.29
N TYR A 7 2.77 5.83 0.40
CA TYR A 7 3.07 6.69 -0.73
C TYR A 7 3.46 5.88 -1.96
N GLY A 8 4.26 4.84 -1.77
CA GLY A 8 4.69 3.99 -2.89
C GLY A 8 6.16 3.58 -2.74
N ALA A 9 6.58 3.37 -1.49
CA ALA A 9 7.96 2.97 -1.23
C ALA A 9 8.23 1.61 -1.88
N GLY A 10 7.14 0.86 -2.11
CA GLY A 10 7.24 -0.46 -2.74
C GLY A 10 5.99 -0.72 -3.57
N VAL A 11 5.26 0.35 -3.87
CA VAL A 11 4.04 0.24 -4.65
C VAL A 11 3.10 -0.80 -4.03
N ALA A 12 3.44 -1.22 -2.82
CA ALA A 12 2.63 -2.20 -2.10
C ALA A 12 1.43 -1.52 -1.46
N SER A 13 1.19 -0.26 -1.83
CA SER A 13 0.10 0.52 -1.26
C SER A 13 -1.24 0.21 -1.93
N LEU A 14 -1.22 -0.55 -3.02
CA LEU A 14 -2.45 -0.90 -3.75
C LEU A 14 -2.79 -2.39 -3.61
N PRO A 15 -1.86 -3.28 -3.87
CA PRO A 15 -2.12 -4.75 -3.77
C PRO A 15 -2.69 -5.16 -2.40
N LEU A 16 -2.11 -4.63 -1.34
CA LEU A 16 -2.57 -4.94 0.00
C LEU A 16 -4.01 -4.47 0.21
N LEU A 17 -4.30 -3.28 -0.29
CA LEU A 17 -5.64 -2.71 -0.18
C LEU A 17 -6.63 -3.58 -0.93
N ASN A 18 -6.22 -4.06 -2.10
CA ASN A 18 -7.07 -4.90 -2.93
C ASN A 18 -7.43 -6.19 -2.18
N VAL A 19 -6.45 -6.76 -1.49
CA VAL A 19 -6.68 -7.98 -0.75
C VAL A 19 -7.65 -7.72 0.40
N ILE A 20 -7.43 -6.61 1.10
CA ILE A 20 -8.29 -6.24 2.23
C ILE A 20 -9.69 -5.93 1.72
N ALA A 21 -9.76 -5.20 0.61
CA ALA A 21 -11.05 -4.82 0.03
C ALA A 21 -11.69 -6.02 -0.66
N LEU A 2 8.74 11.62 4.88
CA LEU A 2 10.08 11.22 4.45
C LEU A 2 10.14 9.71 4.27
N GLY A 3 9.53 8.97 5.20
CA GLY A 3 9.50 7.51 5.15
C GLY A 3 8.10 6.99 4.89
N LEU A 4 7.11 7.72 5.38
CA LEU A 4 5.73 7.33 5.22
C LEU A 4 5.32 7.32 3.75
N LEU A 5 5.79 8.30 2.99
CA LEU A 5 5.44 8.37 1.57
C LEU A 5 5.97 7.14 0.83
N SER A 6 7.24 6.84 1.01
CA SER A 6 7.84 5.68 0.36
C SER A 6 7.24 4.39 0.90
N TYR A 7 7.12 4.33 2.22
CA TYR A 7 6.57 3.16 2.89
C TYR A 7 5.12 2.92 2.49
N GLY A 8 4.32 3.98 2.44
CA GLY A 8 2.91 3.85 2.07
C GLY A 8 2.73 3.78 0.56
N ALA A 9 3.84 3.74 -0.17
CA ALA A 9 3.79 3.67 -1.64
C ALA A 9 3.94 2.25 -2.14
N GLY A 10 3.35 1.28 -1.44
CA GLY A 10 3.43 -0.11 -1.87
C GLY A 10 2.42 -0.94 -1.10
N VAL A 11 2.28 -0.62 0.18
CA VAL A 11 1.34 -1.31 1.05
C VAL A 11 0.05 -0.51 1.15
N ALA A 12 0.19 0.82 1.31
CA ALA A 12 -0.97 1.70 1.42
C ALA A 12 -1.85 1.27 2.59
N SER A 13 -2.62 0.21 2.35
CA SER A 13 -3.51 -0.32 3.37
C SER A 13 -4.14 -1.61 2.86
N LEU A 14 -3.38 -2.34 2.05
CA LEU A 14 -3.85 -3.57 1.46
C LEU A 14 -5.17 -3.36 0.70
N PRO A 15 -5.26 -2.37 -0.16
CA PRO A 15 -6.50 -2.11 -0.95
C PRO A 15 -6.53 -2.92 -2.23
N LEU A 16 -5.48 -2.76 -3.04
CA LEU A 16 -5.36 -3.46 -4.31
C LEU A 16 -5.24 -4.96 -4.07
N LEU A 17 -4.48 -5.34 -3.06
CA LEU A 17 -4.27 -6.75 -2.73
C LEU A 17 -5.61 -7.39 -2.35
N ASN A 18 -6.42 -6.66 -1.61
CA ASN A 18 -7.72 -7.17 -1.17
C ASN A 18 -8.60 -7.52 -2.38
N VAL A 19 -8.58 -6.66 -3.39
CA VAL A 19 -9.37 -6.90 -4.59
C VAL A 19 -8.94 -8.20 -5.26
N ILE A 20 -7.64 -8.36 -5.44
CA ILE A 20 -7.11 -9.57 -6.06
C ILE A 20 -7.37 -10.77 -5.15
N ALA A 21 -7.14 -10.59 -3.86
CA ALA A 21 -7.34 -11.67 -2.90
C ALA A 21 -8.82 -11.99 -2.76
N LEU A 2 8.03 6.98 6.00
CA LEU A 2 7.48 7.89 6.98
C LEU A 2 6.00 8.14 6.71
N GLY A 3 5.66 8.27 5.43
CA GLY A 3 4.28 8.49 5.02
C GLY A 3 4.22 8.99 3.59
N LEU A 4 5.11 9.91 3.25
CA LEU A 4 5.18 10.48 1.91
C LEU A 4 6.50 10.11 1.23
N LEU A 5 7.39 9.52 2.03
CA LEU A 5 8.69 9.11 1.52
C LEU A 5 8.52 8.06 0.41
N SER A 6 7.68 7.08 0.67
CA SER A 6 7.41 6.00 -0.29
C SER A 6 5.94 5.97 -0.67
N TYR A 7 5.08 6.30 0.29
CA TYR A 7 3.64 6.29 0.05
C TYR A 7 3.21 4.93 -0.49
N GLY A 8 4.16 3.99 -0.50
CA GLY A 8 3.87 2.65 -0.98
C GLY A 8 4.92 1.65 -0.46
N ALA A 9 5.63 2.03 0.60
CA ALA A 9 6.65 1.17 1.17
C ALA A 9 6.01 -0.10 1.74
N GLY A 10 4.69 -0.10 1.86
CA GLY A 10 3.98 -1.26 2.39
C GLY A 10 2.50 -0.98 2.57
N VAL A 11 2.16 0.30 2.74
CA VAL A 11 0.78 0.69 2.93
C VAL A 11 -0.06 0.35 1.70
N ALA A 12 0.48 0.67 0.53
CA ALA A 12 -0.23 0.39 -0.72
C ALA A 12 -0.34 -1.11 -0.97
N SER A 13 0.31 -1.89 -0.12
CA SER A 13 0.30 -3.34 -0.27
C SER A 13 -0.98 -3.96 0.31
N LEU A 14 -1.82 -3.14 0.95
CA LEU A 14 -3.07 -3.65 1.54
C LEU A 14 -4.29 -3.25 0.70
N PRO A 15 -4.47 -1.98 0.36
CA PRO A 15 -5.63 -1.53 -0.46
C PRO A 15 -5.78 -2.33 -1.75
N LEU A 16 -4.69 -2.46 -2.50
CA LEU A 16 -4.71 -3.20 -3.76
C LEU A 16 -5.00 -4.67 -3.51
N LEU A 17 -4.35 -5.23 -2.48
CA LEU A 17 -4.53 -6.63 -2.15
C LEU A 17 -5.97 -6.91 -1.71
N ASN A 18 -6.54 -6.00 -0.94
CA ASN A 18 -7.91 -6.17 -0.46
C ASN A 18 -8.88 -6.25 -1.63
N VAL A 19 -8.69 -5.37 -2.62
CA VAL A 19 -9.55 -5.36 -3.79
C VAL A 19 -9.42 -6.67 -4.56
N ILE A 20 -8.17 -7.09 -4.76
CA ILE A 20 -7.89 -8.32 -5.48
C ILE A 20 -8.44 -9.51 -4.69
N ALA A 21 -8.22 -9.49 -3.39
CA ALA A 21 -8.69 -10.58 -2.53
C ALA A 21 -10.22 -10.60 -2.49
N LEU A 2 9.97 9.85 7.18
CA LEU A 2 10.90 8.74 7.08
C LEU A 2 10.85 8.14 5.68
N GLY A 3 9.64 8.08 5.12
CA GLY A 3 9.45 7.51 3.78
C GLY A 3 8.95 6.08 3.89
N LEU A 4 8.79 5.63 5.12
CA LEU A 4 8.31 4.28 5.39
C LEU A 4 6.80 4.28 5.58
N LEU A 5 6.19 5.46 5.47
CA LEU A 5 4.74 5.60 5.63
C LEU A 5 4.07 5.77 4.26
N SER A 6 4.73 6.50 3.37
CA SER A 6 4.21 6.74 2.04
C SER A 6 4.48 5.56 1.09
N TYR A 7 5.26 4.61 1.57
CA TYR A 7 5.60 3.45 0.75
C TYR A 7 4.36 2.66 0.32
N GLY A 8 3.47 2.39 1.29
CA GLY A 8 2.25 1.64 1.02
C GLY A 8 0.99 2.48 1.27
N ALA A 9 1.15 3.79 1.28
CA ALA A 9 0.01 4.68 1.52
C ALA A 9 -0.94 4.66 0.31
N GLY A 10 -1.63 3.55 0.13
CA GLY A 10 -2.56 3.42 -0.98
C GLY A 10 -1.84 3.08 -2.27
N VAL A 11 -0.52 3.03 -2.19
CA VAL A 11 0.31 2.72 -3.34
C VAL A 11 0.09 1.30 -3.86
N ALA A 12 0.08 0.34 -2.96
CA ALA A 12 -0.09 -1.07 -3.34
C ALA A 12 -0.51 -1.92 -2.15
N SER A 13 -0.05 -1.54 -0.97
CA SER A 13 -0.36 -2.27 0.25
C SER A 13 -1.86 -2.26 0.56
N LEU A 14 -2.62 -1.40 -0.14
CA LEU A 14 -4.07 -1.30 0.09
C LEU A 14 -4.88 -1.70 -1.15
N PRO A 15 -4.62 -1.12 -2.30
CA PRO A 15 -5.39 -1.45 -3.55
C PRO A 15 -5.15 -2.88 -4.01
N LEU A 16 -3.90 -3.20 -4.36
CA LEU A 16 -3.55 -4.53 -4.83
C LEU A 16 -3.76 -5.56 -3.71
N LEU A 17 -3.39 -5.18 -2.50
CA LEU A 17 -3.53 -6.07 -1.36
C LEU A 17 -5.00 -6.41 -1.14
N ASN A 18 -5.86 -5.40 -1.24
CA ASN A 18 -7.29 -5.62 -1.07
C ASN A 18 -7.83 -6.58 -2.12
N VAL A 19 -7.37 -6.41 -3.35
CA VAL A 19 -7.81 -7.28 -4.44
C VAL A 19 -7.38 -8.71 -4.17
N ILE A 20 -6.12 -8.87 -3.76
CA ILE A 20 -5.59 -10.20 -3.46
C ILE A 20 -6.34 -10.80 -2.28
N ALA A 21 -6.58 -9.98 -1.26
CA ALA A 21 -7.28 -10.43 -0.07
C ALA A 21 -8.73 -10.76 -0.40
N LEU A 2 6.66 9.37 6.43
CA LEU A 2 7.15 10.69 6.83
C LEU A 2 7.35 11.59 5.63
N GLY A 3 7.91 11.02 4.56
CA GLY A 3 8.16 11.78 3.33
C GLY A 3 7.75 10.99 2.10
N LEU A 4 6.74 10.14 2.26
CA LEU A 4 6.26 9.32 1.16
C LEU A 4 7.42 8.73 0.38
N LEU A 5 8.55 8.55 1.07
CA LEU A 5 9.73 7.97 0.44
C LEU A 5 9.38 6.56 -0.01
N SER A 6 8.64 5.86 0.85
CA SER A 6 8.20 4.50 0.58
C SER A 6 6.69 4.51 0.32
N TYR A 7 6.11 5.70 0.35
CA TYR A 7 4.69 5.86 0.14
C TYR A 7 3.91 4.86 0.97
N GLY A 8 4.21 4.86 2.27
CA GLY A 8 3.55 3.94 3.19
C GLY A 8 4.11 2.54 3.06
N ALA A 9 5.30 2.45 2.47
CA ALA A 9 5.95 1.16 2.28
C ALA A 9 5.03 0.18 1.57
N GLY A 10 3.88 0.66 1.13
CA GLY A 10 2.92 -0.19 0.42
C GLY A 10 2.10 -1.03 1.41
N VAL A 11 1.93 -0.52 2.62
CA VAL A 11 1.16 -1.24 3.62
C VAL A 11 -0.29 -1.40 3.18
N ALA A 12 -0.88 -0.31 2.67
CA ALA A 12 -2.26 -0.34 2.21
C ALA A 12 -2.34 -0.98 0.82
N SER A 13 -1.20 -1.10 0.16
CA SER A 13 -1.16 -1.68 -1.18
C SER A 13 -1.32 -3.20 -1.12
N LEU A 14 -1.45 -3.74 0.08
CA LEU A 14 -1.60 -5.18 0.27
C LEU A 14 -3.08 -5.58 0.39
N PRO A 15 -3.74 -5.19 1.45
CA PRO A 15 -5.19 -5.55 1.67
C PRO A 15 -6.12 -5.05 0.56
N LEU A 16 -5.88 -3.84 0.07
CA LEU A 16 -6.73 -3.27 -0.96
C LEU A 16 -6.66 -4.11 -2.24
N LEU A 17 -5.45 -4.52 -2.60
CA LEU A 17 -5.27 -5.34 -3.80
C LEU A 17 -5.93 -6.71 -3.62
N ASN A 18 -5.81 -7.26 -2.41
CA ASN A 18 -6.39 -8.57 -2.14
C ASN A 18 -7.90 -8.53 -2.31
N VAL A 19 -8.52 -7.45 -1.85
CA VAL A 19 -9.96 -7.30 -1.98
C VAL A 19 -10.35 -7.20 -3.45
N ILE A 20 -9.60 -6.39 -4.19
CA ILE A 20 -9.86 -6.20 -5.62
C ILE A 20 -9.61 -7.51 -6.37
N ALA A 21 -8.52 -8.17 -6.03
CA ALA A 21 -8.17 -9.44 -6.68
C ALA A 21 -8.95 -10.59 -6.07
N LEU A 2 2.73 9.63 7.06
CA LEU A 2 3.90 10.44 7.40
C LEU A 2 5.11 9.56 7.71
N GLY A 3 5.19 8.41 7.03
CA GLY A 3 6.31 7.50 7.26
C GLY A 3 6.05 6.14 6.62
N LEU A 4 4.78 5.75 6.56
CA LEU A 4 4.41 4.46 5.97
C LEU A 4 4.26 4.58 4.46
N LEU A 5 4.37 5.80 3.96
CA LEU A 5 4.25 6.05 2.52
C LEU A 5 5.37 5.37 1.73
N SER A 6 6.58 5.43 2.28
CA SER A 6 7.74 4.84 1.61
C SER A 6 7.60 3.33 1.42
N TYR A 7 6.76 2.70 2.23
CA TYR A 7 6.57 1.25 2.12
C TYR A 7 6.01 0.89 0.74
N GLY A 8 5.04 1.68 0.27
CA GLY A 8 4.43 1.44 -1.03
C GLY A 8 2.94 1.75 -1.01
N ALA A 9 2.61 2.99 -0.64
CA ALA A 9 1.21 3.41 -0.57
C ALA A 9 0.74 3.92 -1.94
N GLY A 10 1.63 3.86 -2.93
CA GLY A 10 1.31 4.31 -4.28
C GLY A 10 1.53 3.19 -5.28
N VAL A 11 2.17 2.12 -4.81
CA VAL A 11 2.46 0.98 -5.66
C VAL A 11 1.16 0.32 -6.11
N ALA A 12 0.21 0.19 -5.18
CA ALA A 12 -1.10 -0.43 -5.44
C ALA A 12 -1.04 -1.92 -5.12
N SER A 13 0.17 -2.45 -4.97
CA SER A 13 0.36 -3.85 -4.66
C SER A 13 0.34 -4.08 -3.15
N LEU A 14 0.34 -2.99 -2.38
CA LEU A 14 0.35 -3.08 -0.92
C LEU A 14 -0.99 -2.60 -0.30
N PRO A 15 -1.50 -1.45 -0.68
CA PRO A 15 -2.77 -0.93 -0.10
C PRO A 15 -4.02 -1.53 -0.75
N LEU A 16 -4.19 -1.30 -2.04
CA LEU A 16 -5.36 -1.81 -2.75
C LEU A 16 -5.38 -3.33 -2.75
N LEU A 17 -4.21 -3.93 -2.94
CA LEU A 17 -4.10 -5.39 -2.97
C LEU A 17 -4.53 -5.97 -1.63
N ASN A 18 -4.13 -5.30 -0.54
CA ASN A 18 -4.48 -5.78 0.79
C ASN A 18 -5.99 -5.81 0.98
N VAL A 19 -6.67 -4.79 0.46
CA VAL A 19 -8.13 -4.73 0.57
C VAL A 19 -8.76 -5.95 -0.10
N ILE A 20 -8.31 -6.25 -1.31
CA ILE A 20 -8.83 -7.39 -2.04
C ILE A 20 -8.45 -8.68 -1.31
N ALA A 21 -7.20 -8.75 -0.86
CA ALA A 21 -6.72 -9.92 -0.16
C ALA A 21 -7.21 -9.92 1.29
N LEU A 2 8.66 10.29 6.76
CA LEU A 2 9.97 9.79 7.16
C LEU A 2 10.69 9.18 5.97
N GLY A 3 9.96 8.43 5.15
CA GLY A 3 10.54 7.80 3.98
C GLY A 3 9.73 6.57 3.56
N LEU A 4 9.09 5.93 4.54
CA LEU A 4 8.29 4.74 4.28
C LEU A 4 6.86 5.14 3.90
N LEU A 5 6.56 6.43 3.99
CA LEU A 5 5.23 6.92 3.66
C LEU A 5 4.92 6.63 2.19
N SER A 6 5.90 6.86 1.33
CA SER A 6 5.73 6.63 -0.10
C SER A 6 5.87 5.15 -0.43
N TYR A 7 6.16 4.33 0.58
CA TYR A 7 6.33 2.90 0.37
C TYR A 7 5.07 2.30 -0.23
N GLY A 8 3.92 2.62 0.36
CA GLY A 8 2.63 2.12 -0.13
C GLY A 8 1.86 3.22 -0.85
N ALA A 9 2.51 4.36 -1.04
CA ALA A 9 1.87 5.49 -1.71
C ALA A 9 0.68 5.97 -0.88
N GLY A 10 0.37 5.21 0.17
CA GLY A 10 -0.72 5.52 1.07
C GLY A 10 -0.92 4.32 1.97
N VAL A 11 -0.97 3.14 1.36
CA VAL A 11 -1.15 1.89 2.08
C VAL A 11 -0.49 0.73 1.33
N ALA A 12 -1.16 0.27 0.26
CA ALA A 12 -0.65 -0.84 -0.53
C ALA A 12 -0.55 -2.12 0.29
N SER A 13 -0.74 -2.00 1.60
CA SER A 13 -0.67 -3.15 2.49
C SER A 13 -2.05 -3.79 2.64
N LEU A 14 -3.04 -3.25 1.92
CA LEU A 14 -4.40 -3.78 1.98
C LEU A 14 -5.15 -3.60 0.65
N PRO A 15 -5.17 -2.42 0.08
CA PRO A 15 -5.90 -2.19 -1.21
C PRO A 15 -5.46 -3.15 -2.32
N LEU A 16 -4.14 -3.35 -2.46
CA LEU A 16 -3.64 -4.27 -3.47
C LEU A 16 -4.08 -5.69 -3.18
N LEU A 17 -4.02 -6.06 -1.90
CA LEU A 17 -4.41 -7.40 -1.48
C LEU A 17 -5.90 -7.62 -1.73
N ASN A 18 -6.69 -6.59 -1.49
CA ASN A 18 -8.13 -6.68 -1.70
C ASN A 18 -8.44 -6.99 -3.15
N VAL A 19 -7.70 -6.35 -4.06
CA VAL A 19 -7.92 -6.58 -5.49
C VAL A 19 -7.62 -8.04 -5.83
N ILE A 20 -6.50 -8.54 -5.32
CA ILE A 20 -6.11 -9.92 -5.55
C ILE A 20 -7.14 -10.85 -4.92
N ALA A 21 -7.55 -10.52 -3.71
CA ALA A 21 -8.54 -11.33 -2.99
C ALA A 21 -9.94 -11.07 -3.54
N LEU A 2 10.06 10.16 5.53
CA LEU A 2 9.51 10.61 6.81
C LEU A 2 8.03 10.93 6.67
N GLY A 3 7.37 10.27 5.71
CA GLY A 3 5.94 10.47 5.47
C GLY A 3 5.27 9.16 5.09
N LEU A 4 5.73 8.07 5.73
CA LEU A 4 5.19 6.75 5.46
C LEU A 4 5.11 6.52 3.95
N LEU A 5 5.81 7.34 3.20
CA LEU A 5 5.82 7.23 1.74
C LEU A 5 6.40 5.88 1.31
N SER A 6 7.48 5.48 1.98
CA SER A 6 8.14 4.21 1.66
C SER A 6 7.20 3.04 1.93
N TYR A 7 6.53 3.08 3.08
CA TYR A 7 5.60 2.00 3.43
C TYR A 7 4.39 2.02 2.49
N GLY A 8 3.92 3.21 2.17
CA GLY A 8 2.78 3.35 1.27
C GLY A 8 3.14 2.86 -0.11
N ALA A 9 4.41 3.07 -0.49
CA ALA A 9 4.88 2.66 -1.80
C ALA A 9 4.69 1.15 -1.98
N GLY A 10 4.63 0.43 -0.86
CA GLY A 10 4.45 -1.01 -0.89
C GLY A 10 2.99 -1.38 -0.64
N VAL A 11 2.49 -0.96 0.51
CA VAL A 11 1.11 -1.25 0.87
C VAL A 11 0.14 -0.55 -0.08
N ALA A 12 0.42 0.72 -0.40
CA ALA A 12 -0.43 1.48 -1.29
C ALA A 12 -1.87 1.49 -0.75
N SER A 13 -1.98 1.55 0.57
CA SER A 13 -3.29 1.56 1.21
C SER A 13 -4.03 0.24 0.98
N LEU A 14 -3.28 -0.79 0.59
CA LEU A 14 -3.87 -2.10 0.33
C LEU A 14 -5.05 -1.99 -0.64
N PRO A 15 -4.77 -1.69 -1.89
CA PRO A 15 -5.81 -1.56 -2.94
C PRO A 15 -6.01 -2.86 -3.73
N LEU A 16 -5.05 -3.16 -4.60
CA LEU A 16 -5.11 -4.35 -5.43
C LEU A 16 -5.06 -5.61 -4.56
N LEU A 17 -4.23 -5.58 -3.52
CA LEU A 17 -4.10 -6.71 -2.63
C LEU A 17 -5.43 -7.00 -1.94
N ASN A 18 -6.14 -5.94 -1.57
CA ASN A 18 -7.43 -6.12 -0.91
C ASN A 18 -8.41 -6.82 -1.85
N VAL A 19 -8.39 -6.43 -3.11
CA VAL A 19 -9.26 -7.05 -4.11
C VAL A 19 -8.88 -8.51 -4.30
N ILE A 20 -7.58 -8.76 -4.43
CA ILE A 20 -7.07 -10.11 -4.61
C ILE A 20 -7.38 -10.94 -3.37
N ALA A 21 -7.15 -10.35 -2.21
CA ALA A 21 -7.41 -11.04 -0.95
C ALA A 21 -8.89 -10.98 -0.61
N LEU A 2 4.32 9.50 7.87
CA LEU A 2 5.16 10.66 8.14
C LEU A 2 6.37 10.66 7.20
N GLY A 3 6.47 9.64 6.37
CA GLY A 3 7.57 9.55 5.42
C GLY A 3 7.69 8.14 4.86
N LEU A 4 7.17 7.18 5.60
CA LEU A 4 7.21 5.78 5.18
C LEU A 4 6.24 5.54 4.03
N LEU A 5 5.28 6.43 3.88
CA LEU A 5 4.29 6.31 2.82
C LEU A 5 4.98 6.35 1.46
N SER A 6 5.96 7.22 1.33
CA SER A 6 6.69 7.36 0.07
C SER A 6 7.27 6.01 -0.35
N TYR A 7 7.68 5.21 0.63
CA TYR A 7 8.24 3.88 0.35
C TYR A 7 7.14 2.84 0.20
N GLY A 8 5.89 3.29 0.34
CA GLY A 8 4.74 2.39 0.22
C GLY A 8 3.65 3.05 -0.63
N ALA A 9 4.03 4.11 -1.34
CA ALA A 9 3.09 4.83 -2.19
C ALA A 9 2.53 3.91 -3.27
N GLY A 10 3.29 2.87 -3.61
CA GLY A 10 2.86 1.90 -4.62
C GLY A 10 2.32 0.64 -3.96
N VAL A 11 3.21 -0.08 -3.27
CA VAL A 11 2.82 -1.31 -2.60
C VAL A 11 1.79 -1.00 -1.52
N ALA A 12 2.03 0.03 -0.73
CA ALA A 12 1.10 0.41 0.32
C ALA A 12 0.76 -0.81 1.17
N SER A 13 1.59 -1.84 1.04
CA SER A 13 1.39 -3.08 1.78
C SER A 13 0.28 -3.92 1.16
N LEU A 14 0.12 -3.80 -0.16
CA LEU A 14 -0.92 -4.55 -0.86
C LEU A 14 -2.24 -4.51 -0.06
N PRO A 15 -2.82 -3.34 0.07
CA PRO A 15 -4.09 -3.15 0.80
C PRO A 15 -5.31 -3.29 -0.12
N LEU A 16 -5.28 -2.54 -1.22
CA LEU A 16 -6.36 -2.57 -2.19
C LEU A 16 -6.47 -3.95 -2.82
N LEU A 17 -5.31 -4.55 -3.09
CA LEU A 17 -5.29 -5.87 -3.71
C LEU A 17 -5.98 -6.88 -2.80
N ASN A 18 -5.73 -6.75 -1.50
CA ASN A 18 -6.32 -7.66 -0.52
C ASN A 18 -7.84 -7.62 -0.58
N VAL A 19 -8.38 -6.41 -0.73
CA VAL A 19 -9.83 -6.25 -0.80
C VAL A 19 -10.40 -6.99 -2.00
N ILE A 20 -9.76 -6.82 -3.15
CA ILE A 20 -10.19 -7.49 -4.37
C ILE A 20 -10.05 -9.00 -4.22
N ALA A 21 -8.92 -9.42 -3.66
CA ALA A 21 -8.67 -10.84 -3.45
C ALA A 21 -9.63 -11.41 -2.42
N LEU A 2 10.68 9.00 7.74
CA LEU A 2 9.78 9.70 8.65
C LEU A 2 8.81 10.60 7.88
N GLY A 3 8.47 10.19 6.66
CA GLY A 3 7.56 10.98 5.84
C GLY A 3 7.22 10.25 4.55
N LEU A 4 8.18 9.51 3.99
CA LEU A 4 7.97 8.78 2.76
C LEU A 4 7.44 7.38 3.05
N LEU A 5 7.44 7.00 4.33
CA LEU A 5 6.94 5.69 4.72
C LEU A 5 5.46 5.54 4.38
N SER A 6 4.70 6.61 4.63
CA SER A 6 3.27 6.60 4.36
C SER A 6 2.99 6.85 2.89
N TYR A 7 4.06 7.07 2.12
CA TYR A 7 3.92 7.33 0.69
C TYR A 7 3.23 6.16 0.00
N GLY A 8 3.67 4.95 0.30
CA GLY A 8 3.09 3.75 -0.30
C GLY A 8 4.12 2.63 -0.38
N ALA A 9 4.92 2.48 0.66
CA ALA A 9 5.97 1.44 0.69
C ALA A 9 5.49 0.23 1.48
N GLY A 10 4.40 -0.38 1.02
CA GLY A 10 3.84 -1.55 1.69
C GLY A 10 2.44 -1.84 1.18
N VAL A 11 1.61 -0.81 1.16
CA VAL A 11 0.24 -0.94 0.69
C VAL A 11 0.22 -1.27 -0.80
N ALA A 12 1.05 -0.58 -1.57
CA ALA A 12 1.13 -0.80 -3.01
C ALA A 12 -0.20 -0.44 -3.67
N SER A 13 -0.83 0.62 -3.17
CA SER A 13 -2.10 1.09 -3.73
C SER A 13 -3.20 0.06 -3.50
N LEU A 14 -2.96 -0.88 -2.59
CA LEU A 14 -3.96 -1.91 -2.29
C LEU A 14 -4.36 -2.65 -3.57
N PRO A 15 -3.47 -3.44 -4.12
CA PRO A 15 -3.73 -4.22 -5.35
C PRO A 15 -4.19 -5.64 -5.04
N LEU A 16 -3.25 -6.48 -4.60
CA LEU A 16 -3.55 -7.86 -4.27
C LEU A 16 -4.53 -7.94 -3.10
N LEU A 17 -4.34 -7.06 -2.13
CA LEU A 17 -5.21 -7.03 -0.96
C LEU A 17 -6.65 -6.74 -1.37
N ASN A 18 -6.80 -5.80 -2.31
CA ASN A 18 -8.13 -5.43 -2.77
C ASN A 18 -8.85 -6.62 -3.38
N VAL A 19 -8.12 -7.42 -4.16
CA VAL A 19 -8.71 -8.60 -4.79
C VAL A 19 -9.18 -9.58 -3.71
N ILE A 20 -8.31 -9.82 -2.73
CA ILE A 20 -8.64 -10.73 -1.64
C ILE A 20 -9.82 -10.16 -0.84
N ALA A 21 -9.76 -8.87 -0.58
CA ALA A 21 -10.82 -8.21 0.18
C ALA A 21 -12.11 -8.18 -0.63
N LEU A 2 7.70 11.86 3.83
CA LEU A 2 7.96 12.56 5.09
C LEU A 2 9.02 11.83 5.91
N GLY A 3 8.94 10.50 5.94
CA GLY A 3 9.91 9.71 6.69
C GLY A 3 9.77 8.22 6.36
N LEU A 4 8.53 7.75 6.29
CA LEU A 4 8.27 6.34 5.98
C LEU A 4 6.98 6.20 5.17
N LEU A 5 6.53 7.31 4.59
CA LEU A 5 5.32 7.31 3.78
C LEU A 5 5.49 6.38 2.58
N SER A 6 6.68 6.43 1.98
CA SER A 6 6.97 5.61 0.81
C SER A 6 6.59 4.15 1.04
N TYR A 7 6.80 3.65 2.25
CA TYR A 7 6.47 2.26 2.56
C TYR A 7 4.97 2.03 2.39
N GLY A 8 4.17 2.96 2.91
CA GLY A 8 2.72 2.84 2.81
C GLY A 8 2.28 2.99 1.37
N ALA A 9 3.00 3.82 0.61
CA ALA A 9 2.67 4.07 -0.78
C ALA A 9 2.79 2.78 -1.59
N GLY A 10 3.78 1.95 -1.27
CA GLY A 10 3.97 0.70 -1.99
C GLY A 10 2.80 -0.24 -1.75
N VAL A 11 2.38 -0.33 -0.50
CA VAL A 11 1.26 -1.18 -0.13
C VAL A 11 -0.05 -0.56 -0.62
N ALA A 12 -0.04 0.75 -0.80
CA ALA A 12 -1.23 1.44 -1.27
C ALA A 12 -2.43 1.08 -0.41
N SER A 13 -2.17 0.85 0.88
CA SER A 13 -3.23 0.49 1.81
C SER A 13 -3.84 -0.87 1.44
N LEU A 14 -3.09 -1.64 0.66
CA LEU A 14 -3.56 -2.97 0.24
C LEU A 14 -4.98 -2.87 -0.35
N PRO A 15 -5.10 -2.27 -1.51
CA PRO A 15 -6.40 -2.10 -2.19
C PRO A 15 -6.71 -3.23 -3.18
N LEU A 16 -6.02 -3.20 -4.31
CA LEU A 16 -6.21 -4.22 -5.35
C LEU A 16 -5.85 -5.60 -4.83
N LEU A 17 -4.77 -5.66 -4.07
CA LEU A 17 -4.31 -6.94 -3.51
C LEU A 17 -5.38 -7.52 -2.60
N ASN A 18 -5.99 -6.67 -1.78
CA ASN A 18 -7.03 -7.10 -0.87
C ASN A 18 -8.23 -7.65 -1.63
N VAL A 19 -8.61 -6.96 -2.70
CA VAL A 19 -9.74 -7.38 -3.51
C VAL A 19 -9.44 -8.72 -4.17
N ILE A 20 -8.25 -8.82 -4.76
CA ILE A 20 -7.84 -10.05 -5.43
C ILE A 20 -7.72 -11.18 -4.40
N ALA A 21 -7.11 -10.86 -3.26
CA ALA A 21 -6.92 -11.84 -2.21
C ALA A 21 -8.16 -11.90 -1.31
N LEU A 2 5.24 11.78 5.62
CA LEU A 2 6.65 12.15 5.47
C LEU A 2 7.57 11.02 5.90
N GLY A 3 7.10 9.79 5.75
CA GLY A 3 7.89 8.61 6.14
C GLY A 3 7.45 7.38 5.35
N LEU A 4 6.15 7.10 5.40
CA LEU A 4 5.61 5.94 4.69
C LEU A 4 5.31 6.30 3.24
N LEU A 5 5.36 7.60 2.93
CA LEU A 5 5.10 8.05 1.57
C LEU A 5 6.15 7.49 0.61
N SER A 6 7.41 7.53 1.04
CA SER A 6 8.51 7.03 0.21
C SER A 6 8.69 5.53 0.44
N TYR A 7 8.87 5.15 1.70
CA TYR A 7 9.04 3.74 2.06
C TYR A 7 7.79 2.95 1.70
N GLY A 8 6.63 3.48 2.08
CA GLY A 8 5.36 2.81 1.81
C GLY A 8 4.80 3.20 0.45
N ALA A 9 5.67 3.67 -0.44
CA ALA A 9 5.23 4.07 -1.78
C ALA A 9 4.57 2.89 -2.48
N GLY A 10 3.31 2.63 -2.12
CA GLY A 10 2.57 1.52 -2.69
C GLY A 10 1.81 0.82 -1.56
N VAL A 11 1.21 1.64 -0.70
CA VAL A 11 0.48 1.14 0.44
C VAL A 11 -0.66 0.22 0.01
N ALA A 12 -1.16 0.44 -1.20
CA ALA A 12 -2.25 -0.37 -1.72
C ALA A 12 -1.75 -1.78 -2.06
N SER A 13 -0.65 -2.19 -1.42
CA SER A 13 -0.08 -3.51 -1.67
C SER A 13 -0.70 -4.59 -0.79
N LEU A 14 -1.57 -4.21 0.14
CA LEU A 14 -2.22 -5.19 1.03
C LEU A 14 -3.72 -4.88 1.23
N PRO A 15 -4.09 -3.67 1.52
CA PRO A 15 -5.52 -3.30 1.76
C PRO A 15 -6.38 -3.51 0.51
N LEU A 16 -6.17 -2.68 -0.50
CA LEU A 16 -6.93 -2.78 -1.74
C LEU A 16 -6.64 -4.11 -2.44
N LEU A 17 -5.37 -4.53 -2.40
CA LEU A 17 -4.98 -5.78 -3.03
C LEU A 17 -5.79 -6.93 -2.47
N ASN A 18 -5.98 -6.92 -1.15
CA ASN A 18 -6.75 -7.95 -0.48
C ASN A 18 -8.20 -7.96 -0.96
N VAL A 19 -8.75 -6.77 -1.19
CA VAL A 19 -10.12 -6.65 -1.67
C VAL A 19 -10.28 -7.32 -3.03
N ILE A 20 -9.35 -7.02 -3.94
CA ILE A 20 -9.39 -7.60 -5.27
C ILE A 20 -9.16 -9.11 -5.17
N ALA A 21 -8.19 -9.49 -4.35
CA ALA A 21 -7.87 -10.91 -4.19
C ALA A 21 -8.93 -11.60 -3.34
N LEU A 2 8.80 7.40 8.79
CA LEU A 2 7.50 8.01 8.57
C LEU A 2 7.47 8.79 7.25
N GLY A 3 8.54 8.64 6.46
CA GLY A 3 8.63 9.31 5.17
C GLY A 3 8.46 8.31 4.03
N LEU A 4 9.24 7.23 4.09
CA LEU A 4 9.18 6.19 3.08
C LEU A 4 7.83 5.49 3.11
N LEU A 5 7.26 5.40 4.32
CA LEU A 5 5.97 4.74 4.49
C LEU A 5 4.88 5.46 3.68
N SER A 6 4.94 6.79 3.65
CA SER A 6 3.95 7.56 2.91
C SER A 6 3.92 7.13 1.45
N TYR A 7 5.10 6.97 0.86
CA TYR A 7 5.20 6.55 -0.53
C TYR A 7 4.72 5.11 -0.69
N GLY A 8 5.10 4.27 0.27
CA GLY A 8 4.71 2.85 0.24
C GLY A 8 3.42 2.63 1.03
N ALA A 9 2.70 3.71 1.30
CA ALA A 9 1.45 3.62 2.05
C ALA A 9 0.46 2.71 1.32
N GLY A 10 0.57 2.66 0.00
CA GLY A 10 -0.33 1.83 -0.80
C GLY A 10 0.30 1.49 -2.15
N VAL A 11 -0.45 1.74 -3.23
CA VAL A 11 0.01 1.45 -4.57
C VAL A 11 0.21 -0.05 -4.79
N ALA A 12 0.13 -0.80 -3.70
CA ALA A 12 0.28 -2.25 -3.76
C ALA A 12 -0.22 -2.90 -2.47
N SER A 13 0.07 -2.25 -1.36
CA SER A 13 -0.35 -2.76 -0.05
C SER A 13 -1.79 -2.35 0.23
N LEU A 14 -2.45 -1.74 -0.76
CA LEU A 14 -3.84 -1.29 -0.59
C LEU A 14 -4.70 -1.64 -1.82
N PRO A 15 -4.26 -1.32 -3.01
CA PRO A 15 -5.05 -1.62 -4.24
C PRO A 15 -5.12 -3.13 -4.53
N LEU A 16 -3.97 -3.71 -4.83
CA LEU A 16 -3.89 -5.14 -5.12
C LEU A 16 -4.23 -5.96 -3.88
N LEU A 17 -3.75 -5.49 -2.72
CA LEU A 17 -3.99 -6.18 -1.47
C LEU A 17 -5.49 -6.27 -1.18
N ASN A 18 -6.20 -5.18 -1.43
CA ASN A 18 -7.64 -5.15 -1.18
C ASN A 18 -8.34 -6.18 -2.05
N VAL A 19 -7.92 -6.30 -3.30
CA VAL A 19 -8.52 -7.27 -4.21
C VAL A 19 -8.29 -8.68 -3.70
N ILE A 20 -7.06 -8.97 -3.29
CA ILE A 20 -6.73 -10.28 -2.76
C ILE A 20 -7.50 -10.55 -1.49
N ALA A 21 -7.56 -9.52 -0.62
CA ALA A 21 -8.27 -9.64 0.64
C ALA A 21 -9.78 -9.68 0.40
N LEU A 2 8.54 7.97 8.41
CA LEU A 2 9.03 9.32 8.68
C LEU A 2 8.09 10.35 8.07
N GLY A 3 7.63 10.08 6.86
CA GLY A 3 6.72 11.00 6.16
C GLY A 3 5.83 10.24 5.19
N LEU A 4 5.39 9.05 5.59
CA LEU A 4 4.52 8.24 4.76
C LEU A 4 5.18 7.95 3.40
N LEU A 5 6.36 8.54 3.18
CA LEU A 5 7.09 8.33 1.93
C LEU A 5 7.43 6.84 1.77
N SER A 6 7.93 6.24 2.84
CA SER A 6 8.29 4.83 2.81
C SER A 6 7.02 3.98 2.69
N TYR A 7 5.96 4.45 3.33
CA TYR A 7 4.68 3.76 3.29
C TYR A 7 4.14 3.72 1.86
N GLY A 8 4.24 4.86 1.17
CA GLY A 8 3.74 4.97 -0.19
C GLY A 8 4.68 4.31 -1.19
N ALA A 9 5.77 3.71 -0.71
CA ALA A 9 6.72 3.05 -1.59
C ALA A 9 6.09 1.79 -2.20
N GLY A 10 4.91 1.44 -1.71
CA GLY A 10 4.19 0.27 -2.20
C GLY A 10 2.69 0.44 -2.01
N VAL A 11 2.13 1.49 -2.62
CA VAL A 11 0.71 1.77 -2.50
C VAL A 11 -0.10 0.61 -3.08
N ALA A 12 0.32 0.13 -4.25
CA ALA A 12 -0.37 -0.98 -4.91
C ALA A 12 -0.44 -2.19 -4.00
N SER A 13 0.25 -2.11 -2.86
CA SER A 13 0.27 -3.22 -1.91
C SER A 13 -1.03 -3.33 -1.12
N LEU A 14 -1.93 -2.35 -1.28
CA LEU A 14 -3.21 -2.36 -0.53
C LEU A 14 -4.41 -2.59 -1.46
N PRO A 15 -4.56 -1.83 -2.53
CA PRO A 15 -5.70 -1.99 -3.46
C PRO A 15 -5.86 -3.43 -3.95
N LEU A 16 -4.75 -4.03 -4.38
CA LEU A 16 -4.78 -5.40 -4.87
C LEU A 16 -5.17 -6.35 -3.74
N LEU A 17 -4.60 -6.12 -2.56
CA LEU A 17 -4.89 -6.95 -1.40
C LEU A 17 -6.37 -6.84 -1.02
N ASN A 18 -6.91 -5.63 -1.15
CA ASN A 18 -8.31 -5.39 -0.80
C ASN A 18 -9.23 -6.25 -1.65
N VAL A 19 -8.90 -6.40 -2.93
CA VAL A 19 -9.72 -7.21 -3.83
C VAL A 19 -9.73 -8.65 -3.35
N ILE A 20 -8.55 -9.17 -3.01
CA ILE A 20 -8.43 -10.53 -2.52
C ILE A 20 -9.18 -10.68 -1.20
N ALA A 21 -9.00 -9.69 -0.32
CA ALA A 21 -9.67 -9.72 0.97
C ALA A 21 -11.18 -9.61 0.79
#